data_8YUT
#
_entry.id   8YUT
#
_cell.length_a   1.00
_cell.length_b   1.00
_cell.length_c   1.00
_cell.angle_alpha   90.00
_cell.angle_beta   90.00
_cell.angle_gamma   90.00
#
_symmetry.space_group_name_H-M   'P 1'
#
loop_
_entity.id
_entity.type
_entity.pdbx_description
1 polymer 'Guanine nucleotide-binding protein G(s) subunit alpha isoforms short'
2 polymer 'Guanine nucleotide-binding protein G(I)/G(S)/G(T) subunit beta-1'
3 polymer 'Guanine nucleotide-binding protein G(I)/G(S)/G(O) subunit gamma-2'
4 polymer Nanobody-35
5 polymer 'Histamine H2 receptor'
6 non-polymer 5-(2-azanylethyl)-4-methyl-1,3-thiazol-2-amine
7 non-polymer CHOLESTEROL
#
loop_
_entity_poly.entity_id
_entity_poly.type
_entity_poly.pdbx_seq_one_letter_code
_entity_poly.pdbx_strand_id
1 'polypeptide(L)'
;MGCLGNSKTEDQRNEEKAQREANKKIEKQLQKDKQVYRATHRLLLLGAGESGKSTIVKQMRILHVNGYSEEECKQYKAVV
YSNTIQSIIAIIRAMGRLKIDFGDSARADDARQLFVLAGAAEEGFMTAELAGVIKRLWKDSGVQACFNRSREYQLNDSAA
YYLNDLDRIAQPNYIPTQQDVLRTRVKTSGIFETKFQVDKVNFHMFDVGAQRDERRKWIQCFNDVTAIIFVVASSSYNMV
IREDNQTNRLQEALNLFKSIWNNRWLRTISVILFLNKQDLLAEKVLAGKSKIEDYFPEFARYTTPEDATPEPGEDPRVTR
AKYFIRDEFLRISTASGDGRHYCYPHFTCSVDTENIRRVFNDCRDIIQRMHLRQYELL
;
A
2 'polypeptide(L)'
;MHHHHLEVLFQGPGSSGSELDQLRQEAEQLKNQIRDARKACADATLSQITNNIDPVGRIQMRTRRTLRGHLAKIYAMHWG
TDSRLLVSASQDGKLIIWDSYTTNKVHAIPLRSSWVMTCAYAPSGNYVACGGLDNICSIYNLKTREGNVRVSRELAGHTG
YLSCCRFLDDNQIVTSSGDTTCALWDIETGQQTTTFTGHTGDVMSLSLAPDTRLFVSGACDASAKLWDVREGMCRQTFTG
HESDINAICFFPNGNAFATGSDDATCRLFDLRADQELMTYSHDNIICGITSVSFSKSGRLLLAGYDDFNCNVWDALKADR
AGVLAGHDNRVSCLGVTDDGMAVATGSWDSFLKIWN
;
B
3 'polypeptide(L)' MASNNTASIAQARKLVEQLKMEANIDRIKVSKAAADLMAYCEAHAKEDPLLTPVPASENPFREKKFFCAIL G
4 'polypeptide(L)'
;QVQLQESGGGLVQPGGSLRLSCAASGFTFSNYKMNWVRQAPGKGLEWVSDISQSGASISYTGSVKGRFTISRDNAKNTLY
LQMNSLKPEDTAVYYCARCPAPFTRDCFDVTSTTYAYRGQGTQVTVSS
;
N
5 'polypeptide(L)'
;MKTIIALSYIFCLVFADYKDDDDKEFLEVLFQGPAPNGTASSFCLDSTACKITITVVLAVLILITVAGNVVVCLAVGLNR
RLRNLTNCFIVSLAITDLLLGLLVLPFSAIYQLSCKWSFGKVFCNIYTSLDVMLCTASILNLFMISLDRYCAVMDPLRYP
VLVTPVRVAISLVLIWVISITLSFLSIHLGWNSRNETSKGNHTTSKCKVQVNEVYGLVDGLVTFYLPLLIMCITYYRIFK
VARDQAKRINHISSWKAATIREHKATVTLAAVMGAFIICWFPYFTAFVYRGLRGDDAINEVLEAIVLWLGYANSALNPIL
YAALNRDFRTGYQQLFCCRLANRNSHKTSLRSNASQLSRTQSREPRQQEEKPLKLQVWSGTEVTAPQGATDRLEENLYFQ
GHHHHHHHHHH
;
R
#
loop_
_chem_comp.id
_chem_comp.type
_chem_comp.name
_chem_comp.formula
A1D67 non-polymer 5-(2-azanylethyl)-4-methyl-1,3-thiazol-2-amine 'C6 H11 N3 S'
CLR non-polymer CHOLESTEROL 'C27 H46 O'
#
# COMPACT_ATOMS: atom_id res chain seq x y z
N ASP A 11 22.78 36.86 14.17
CA ASP A 11 21.53 37.42 13.68
C ASP A 11 20.64 36.31 13.10
N GLN A 12 21.22 35.13 12.90
CA GLN A 12 20.46 33.99 12.40
C GLN A 12 19.46 33.47 13.43
N ARG A 13 19.62 33.84 14.70
CA ARG A 13 18.71 33.37 15.73
C ARG A 13 17.28 33.83 15.47
N ASN A 14 17.11 35.03 14.92
CA ASN A 14 15.77 35.51 14.61
C ASN A 14 15.16 34.77 13.43
N GLU A 15 15.98 34.41 12.43
CA GLU A 15 15.48 33.58 11.34
C GLU A 15 15.05 32.22 11.85
N GLU A 16 15.83 31.63 12.77
CA GLU A 16 15.44 30.35 13.35
C GLU A 16 14.13 30.46 14.11
N LYS A 17 13.97 31.53 14.88
CA LYS A 17 12.73 31.71 15.64
C LYS A 17 11.53 31.87 14.71
N ALA A 18 11.69 32.66 13.65
CA ALA A 18 10.58 32.84 12.71
C ALA A 18 10.24 31.53 12.01
N GLN A 19 11.26 30.75 11.66
CA GLN A 19 11.01 29.45 11.04
C GLN A 19 10.27 28.52 11.99
N ARG A 20 10.64 28.54 13.28
CA ARG A 20 9.93 27.73 14.25
C ARG A 20 8.47 28.16 14.37
N GLU A 21 8.21 29.47 14.38
CA GLU A 21 6.83 29.94 14.48
C GLU A 21 6.01 29.50 13.27
N ALA A 22 6.57 29.63 12.07
CA ALA A 22 5.85 29.20 10.87
C ALA A 22 5.59 27.70 10.91
N ASN A 23 6.57 26.93 11.38
CA ASN A 23 6.37 25.49 11.51
C ASN A 23 5.25 25.18 12.49
N LYS A 24 5.18 25.92 13.60
CA LYS A 24 4.11 25.68 14.57
C LYS A 24 2.74 25.95 13.97
N LYS A 25 2.61 27.04 13.21
CA LYS A 25 1.32 27.31 12.56
C LYS A 25 0.96 26.19 11.59
N ILE A 26 1.94 25.74 10.81
CA ILE A 26 1.68 24.66 9.86
C ILE A 26 1.26 23.40 10.59
N GLU A 27 1.89 23.11 11.73
CA GLU A 27 1.56 21.91 12.47
C GLU A 27 0.15 21.96 13.04
N LYS A 28 -0.28 23.14 13.52
CA LYS A 28 -1.67 23.26 13.98
C LYS A 28 -2.64 22.97 12.85
N GLN A 29 -2.41 23.59 11.69
CA GLN A 29 -3.32 23.36 10.57
C GLN A 29 -3.30 21.89 10.15
N LEU A 30 -2.11 21.27 10.20
CA LEU A 30 -2.00 19.87 9.82
C LEU A 30 -2.72 18.96 10.81
N GLN A 31 -2.72 19.30 12.09
CA GLN A 31 -3.49 18.50 13.05
C GLN A 31 -4.98 18.57 12.76
N LYS A 32 -5.48 19.78 12.46
CA LYS A 32 -6.90 19.88 12.11
C LYS A 32 -7.20 19.07 10.86
N ASP A 33 -6.34 19.17 9.85
CA ASP A 33 -6.55 18.42 8.61
C ASP A 33 -6.43 16.92 8.85
N LYS A 34 -5.57 16.49 9.77
CA LYS A 34 -5.45 15.08 10.07
C LYS A 34 -6.73 14.53 10.67
N GLN A 35 -7.32 15.28 11.60
CA GLN A 35 -8.59 14.82 12.16
C GLN A 35 -9.67 14.73 11.09
N VAL A 36 -9.74 15.76 10.24
CA VAL A 36 -10.78 15.77 9.20
C VAL A 36 -10.57 14.61 8.23
N TYR A 37 -9.31 14.36 7.85
CA TYR A 37 -9.00 13.26 6.95
C TYR A 37 -9.36 11.92 7.56
N ARG A 38 -9.01 11.71 8.83
CA ARG A 38 -9.31 10.44 9.48
C ARG A 38 -10.80 10.25 9.74
N ALA A 39 -11.61 11.31 9.68
CA ALA A 39 -13.05 11.18 9.88
C ALA A 39 -13.82 10.86 8.61
N THR A 40 -13.15 10.68 7.47
CA THR A 40 -13.80 10.51 6.18
C THR A 40 -13.45 9.16 5.57
N HIS A 41 -14.44 8.52 4.95
CA HIS A 41 -14.26 7.25 4.23
C HIS A 41 -14.34 7.51 2.73
N ARG A 42 -13.33 7.04 2.01
CA ARG A 42 -13.27 7.24 0.57
C ARG A 42 -13.67 6.01 -0.23
N LEU A 43 -14.48 6.20 -1.25
CA LEU A 43 -15.01 5.11 -2.05
C LEU A 43 -14.65 5.31 -3.51
N LEU A 44 -14.26 4.23 -4.18
CA LEU A 44 -14.00 4.24 -5.62
C LEU A 44 -15.16 3.60 -6.36
N LEU A 45 -15.65 4.28 -7.40
CA LEU A 45 -16.74 3.78 -8.23
C LEU A 45 -16.19 3.39 -9.58
N LEU A 46 -16.34 2.11 -9.94
CA LEU A 46 -15.88 1.58 -11.22
C LEU A 46 -17.06 1.13 -12.06
N GLY A 47 -16.89 1.23 -13.38
CA GLY A 47 -17.91 0.88 -14.35
C GLY A 47 -18.50 2.11 -14.98
N ALA A 48 -18.16 2.36 -16.25
CA ALA A 48 -18.66 3.54 -16.95
C ALA A 48 -19.08 3.15 -18.37
N GLY A 49 -19.76 2.02 -18.52
CA GLY A 49 -20.19 1.54 -19.81
C GLY A 49 -21.69 1.39 -19.91
N GLU A 50 -22.16 0.19 -20.27
CA GLU A 50 -23.60 -0.06 -20.27
C GLU A 50 -24.19 0.00 -18.88
N SER A 51 -23.36 -0.21 -17.85
CA SER A 51 -23.85 -0.18 -16.47
C SER A 51 -24.37 1.22 -16.14
N GLY A 52 -25.46 1.26 -15.37
CA GLY A 52 -26.07 2.53 -15.02
C GLY A 52 -25.34 3.25 -13.91
N LYS A 53 -24.03 3.46 -14.09
CA LYS A 53 -23.24 4.12 -13.06
C LYS A 53 -23.75 5.53 -12.79
N SER A 54 -24.07 6.27 -13.86
CA SER A 54 -24.54 7.64 -13.67
C SER A 54 -25.88 7.71 -12.95
N THR A 55 -26.71 6.69 -13.10
CA THR A 55 -27.98 6.67 -12.37
C THR A 55 -27.74 6.46 -10.88
N ILE A 56 -26.82 5.57 -10.53
CA ILE A 56 -26.46 5.38 -9.13
C ILE A 56 -25.85 6.66 -8.55
N VAL A 57 -24.99 7.31 -9.33
CA VAL A 57 -24.37 8.55 -8.86
C VAL A 57 -25.42 9.62 -8.62
N LYS A 58 -26.36 9.76 -9.55
CA LYS A 58 -27.40 10.77 -9.40
C LYS A 58 -28.26 10.52 -8.15
N GLN A 59 -28.45 9.26 -7.79
CA GLN A 59 -29.21 8.94 -6.58
C GLN A 59 -28.39 9.01 -5.30
N MET A 60 -27.08 9.20 -5.42
CA MET A 60 -26.21 9.24 -4.26
C MET A 60 -25.57 10.63 -4.12
N SER A 189 -11.96 16.84 -17.63
CA SER A 189 -12.02 16.56 -16.20
C SER A 189 -11.77 15.08 -15.93
N GLY A 190 -10.58 14.77 -15.44
CA GLY A 190 -10.21 13.40 -15.16
C GLY A 190 -10.98 12.67 -14.11
N ILE A 191 -11.34 13.36 -13.03
CA ILE A 191 -12.03 12.71 -11.93
C ILE A 191 -13.12 13.57 -11.31
N PHE A 192 -14.26 12.97 -11.00
CA PHE A 192 -15.34 13.70 -10.35
C PHE A 192 -15.48 13.20 -8.92
N GLU A 193 -15.92 14.09 -8.04
CA GLU A 193 -16.08 13.79 -6.63
C GLU A 193 -17.51 14.05 -6.20
N THR A 194 -18.08 13.11 -5.44
CA THR A 194 -19.40 13.25 -4.85
C THR A 194 -19.26 13.05 -3.34
N LYS A 195 -19.83 13.96 -2.57
CA LYS A 195 -19.81 13.85 -1.12
C LYS A 195 -21.22 13.62 -0.60
N PHE A 196 -21.33 12.73 0.39
CA PHE A 196 -22.62 12.52 1.02
C PHE A 196 -22.42 12.14 2.48
N GLN A 197 -23.51 12.15 3.23
CA GLN A 197 -23.47 11.89 4.65
C GLN A 197 -24.61 10.93 5.01
N VAL A 198 -24.28 9.89 5.76
CA VAL A 198 -25.26 8.92 6.22
C VAL A 198 -25.11 8.80 7.74
N ASP A 199 -26.16 9.17 8.47
CA ASP A 199 -26.14 9.13 9.94
C ASP A 199 -24.91 9.85 10.49
N LYS A 200 -24.63 11.02 9.92
CA LYS A 200 -23.51 11.87 10.34
C LYS A 200 -22.14 11.24 10.08
N VAL A 201 -22.09 10.25 9.19
CA VAL A 201 -20.82 9.67 8.73
C VAL A 201 -20.57 10.19 7.32
N ASN A 202 -19.40 10.77 7.09
CA ASN A 202 -19.07 11.40 5.83
C ASN A 202 -18.46 10.39 4.86
N PHE A 203 -18.97 10.36 3.63
CA PHE A 203 -18.47 9.50 2.58
C PHE A 203 -18.10 10.33 1.37
N HIS A 204 -17.00 9.94 0.74
CA HIS A 204 -16.40 10.66 -0.39
C HIS A 204 -16.20 9.67 -1.53
N MET A 205 -17.05 9.73 -2.54
CA MET A 205 -17.04 8.77 -3.64
C MET A 205 -16.41 9.42 -4.87
N PHE A 206 -15.52 8.68 -5.52
CA PHE A 206 -14.74 9.20 -6.65
C PHE A 206 -15.16 8.47 -7.93
N ASP A 207 -15.72 9.22 -8.87
CA ASP A 207 -16.17 8.69 -10.15
C ASP A 207 -15.09 8.98 -11.18
N VAL A 208 -14.66 7.93 -11.89
CA VAL A 208 -13.60 8.08 -12.88
C VAL A 208 -14.13 8.83 -14.09
N GLY A 209 -13.38 9.83 -14.56
CA GLY A 209 -13.86 10.66 -15.69
C GLY A 209 -13.12 10.41 -16.98
N ALA A 210 -12.34 11.39 -17.47
CA ALA A 210 -11.67 11.26 -18.77
C ALA A 210 -10.35 10.50 -18.63
N GLN A 211 -10.41 9.18 -18.56
CA GLN A 211 -9.19 8.33 -18.47
C GLN A 211 -9.27 7.27 -19.56
N ARG A 212 -8.13 6.88 -20.15
CA ARG A 212 -8.15 5.92 -21.29
C ARG A 212 -8.53 4.51 -20.84
N ASP A 213 -8.63 3.57 -21.79
CA ASP A 213 -9.02 2.17 -21.49
C ASP A 213 -7.89 1.48 -20.72
N GLU A 214 -6.64 1.88 -20.93
CA GLU A 214 -5.50 1.35 -20.14
C GLU A 214 -5.61 1.85 -18.69
N ARG A 215 -5.89 0.96 -17.73
CA ARG A 215 -6.11 1.40 -16.32
C ARG A 215 -5.12 0.73 -15.36
N ARG A 216 -4.09 0.05 -15.89
CA ARG A 216 -3.11 -0.69 -15.05
C ARG A 216 -2.33 0.26 -14.13
N LYS A 217 -1.92 1.43 -14.61
CA LYS A 217 -1.08 2.36 -13.81
C LYS A 217 -1.98 3.32 -13.04
N TRP A 218 -3.06 3.78 -13.66
CA TRP A 218 -3.94 4.75 -13.03
C TRP A 218 -4.54 4.20 -11.74
N ILE A 219 -5.08 2.98 -11.78
CA ILE A 219 -5.84 2.45 -10.67
C ILE A 219 -5.02 2.26 -9.41
N GLN A 220 -3.69 2.23 -9.53
CA GLN A 220 -2.85 2.10 -8.36
C GLN A 220 -2.98 3.29 -7.42
N CYS A 221 -3.60 4.38 -7.88
CA CYS A 221 -3.85 5.51 -7.00
C CYS A 221 -4.88 5.20 -5.93
N PHE A 222 -5.59 4.08 -6.02
CA PHE A 222 -6.71 3.82 -5.12
C PHE A 222 -6.48 2.60 -4.24
N ASN A 223 -5.29 2.47 -3.66
CA ASN A 223 -5.00 1.35 -2.79
C ASN A 223 -5.33 1.62 -1.33
N ASP A 224 -5.96 2.77 -1.02
CA ASP A 224 -6.24 3.15 0.35
C ASP A 224 -7.73 3.42 0.57
N VAL A 225 -8.57 3.20 -0.43
CA VAL A 225 -10.01 3.37 -0.24
C VAL A 225 -10.52 2.28 0.69
N THR A 226 -11.64 2.55 1.36
CA THR A 226 -12.25 1.54 2.22
C THR A 226 -12.98 0.46 1.44
N ALA A 227 -13.44 0.75 0.23
CA ALA A 227 -14.11 -0.24 -0.60
C ALA A 227 -14.12 0.25 -2.03
N ILE A 228 -14.30 -0.68 -2.95
CA ILE A 228 -14.50 -0.39 -4.36
C ILE A 228 -15.93 -0.79 -4.70
N ILE A 229 -16.68 0.15 -5.28
CA ILE A 229 -18.05 -0.11 -5.70
C ILE A 229 -18.01 -0.48 -7.18
N PHE A 230 -18.31 -1.73 -7.48
CA PHE A 230 -18.22 -2.27 -8.83
C PHE A 230 -19.63 -2.50 -9.34
N VAL A 231 -19.99 -1.81 -10.42
CA VAL A 231 -21.35 -1.85 -10.96
C VAL A 231 -21.30 -2.62 -12.26
N VAL A 232 -22.04 -3.73 -12.30
CA VAL A 232 -22.12 -4.60 -13.47
C VAL A 232 -23.58 -4.72 -13.86
N ALA A 233 -23.88 -4.45 -15.12
CA ALA A 233 -25.23 -4.64 -15.62
C ALA A 233 -25.46 -6.12 -15.90
N SER A 234 -26.53 -6.65 -15.32
CA SER A 234 -26.91 -8.04 -15.54
C SER A 234 -27.75 -8.24 -16.78
N SER A 235 -28.16 -7.15 -17.43
CA SER A 235 -28.89 -7.20 -18.69
C SER A 235 -28.35 -8.29 -19.60
N GLN A 246 -22.72 -6.29 -30.04
CA GLN A 246 -23.14 -7.22 -28.98
C GLN A 246 -22.03 -8.24 -28.69
N THR A 247 -21.33 -8.04 -27.58
CA THR A 247 -20.28 -8.94 -27.13
C THR A 247 -20.63 -9.45 -25.73
N ASN A 248 -19.76 -10.32 -25.21
CA ASN A 248 -19.96 -10.93 -23.89
C ASN A 248 -19.51 -9.91 -22.85
N ARG A 249 -20.41 -8.96 -22.57
CA ARG A 249 -20.08 -7.91 -21.60
C ARG A 249 -19.89 -8.48 -20.19
N LEU A 250 -20.68 -9.48 -19.82
CA LEU A 250 -20.56 -10.05 -18.48
C LEU A 250 -19.21 -10.73 -18.28
N GLN A 251 -18.71 -11.41 -19.31
CA GLN A 251 -17.37 -12.00 -19.21
C GLN A 251 -16.30 -10.93 -19.07
N GLU A 252 -16.47 -9.81 -19.77
CA GLU A 252 -15.51 -8.71 -19.62
C GLU A 252 -15.55 -8.13 -18.21
N ALA A 253 -16.75 -8.00 -17.65
CA ALA A 253 -16.88 -7.52 -16.27
C ALA A 253 -16.24 -8.49 -15.29
N LEU A 254 -16.41 -9.80 -15.53
CA LEU A 254 -15.79 -10.79 -14.66
C LEU A 254 -14.27 -10.74 -14.77
N ASN A 255 -13.74 -10.52 -15.96
CA ASN A 255 -12.29 -10.42 -16.12
C ASN A 255 -11.74 -9.18 -15.44
N LEU A 256 -12.45 -8.05 -15.53
CA LEU A 256 -12.00 -6.86 -14.83
C LEU A 256 -12.06 -7.06 -13.33
N PHE A 257 -13.13 -7.68 -12.83
CA PHE A 257 -13.21 -7.99 -11.39
C PHE A 257 -12.06 -8.89 -10.96
N LYS A 258 -11.77 -9.92 -11.74
CA LYS A 258 -10.68 -10.83 -11.40
C LYS A 258 -9.36 -10.08 -11.35
N SER A 259 -9.15 -9.17 -12.31
CA SER A 259 -7.92 -8.37 -12.32
C SER A 259 -7.81 -7.52 -11.07
N ILE A 260 -8.90 -6.85 -10.68
CA ILE A 260 -8.87 -6.00 -9.49
C ILE A 260 -8.66 -6.84 -8.24
N TRP A 261 -9.27 -8.03 -8.20
CA TRP A 261 -9.21 -8.86 -7.00
C TRP A 261 -7.78 -9.30 -6.70
N ASN A 262 -7.03 -9.69 -7.73
CA ASN A 262 -5.71 -10.30 -7.56
C ASN A 262 -4.57 -9.32 -7.71
N ASN A 263 -4.84 -8.02 -7.82
CA ASN A 263 -3.76 -7.04 -7.96
C ASN A 263 -3.00 -6.91 -6.64
N ARG A 264 -1.67 -6.79 -6.75
CA ARG A 264 -0.84 -6.72 -5.55
C ARG A 264 -1.20 -5.54 -4.66
N TRP A 265 -1.49 -4.39 -5.26
CA TRP A 265 -1.77 -3.18 -4.51
C TRP A 265 -3.25 -3.00 -4.19
N LEU A 266 -4.11 -3.89 -4.68
CA LEU A 266 -5.54 -3.81 -4.41
C LEU A 266 -6.08 -5.00 -3.63
N ARG A 267 -5.29 -6.05 -3.41
CA ARG A 267 -5.82 -7.24 -2.75
C ARG A 267 -5.83 -7.12 -1.23
N THR A 268 -6.36 -6.00 -0.74
CA THR A 268 -6.78 -5.85 0.64
C THR A 268 -8.07 -5.06 0.75
N ILE A 269 -8.65 -4.63 -0.37
CA ILE A 269 -9.84 -3.79 -0.40
C ILE A 269 -11.04 -4.66 -0.72
N SER A 270 -12.09 -4.54 0.08
CA SER A 270 -13.34 -5.21 -0.21
C SER A 270 -14.04 -4.54 -1.38
N VAL A 271 -14.86 -5.32 -2.08
CA VAL A 271 -15.58 -4.83 -3.25
C VAL A 271 -17.06 -4.94 -2.96
N ILE A 272 -17.77 -3.82 -3.07
CA ILE A 272 -19.22 -3.80 -3.02
C ILE A 272 -19.71 -3.95 -4.46
N LEU A 273 -20.40 -5.04 -4.74
CA LEU A 273 -20.75 -5.40 -6.11
C LEU A 273 -22.24 -5.16 -6.31
N PHE A 274 -22.55 -4.26 -7.23
CA PHE A 274 -23.93 -3.99 -7.62
C PHE A 274 -24.20 -4.66 -8.95
N LEU A 275 -25.19 -5.55 -8.97
CA LEU A 275 -25.62 -6.22 -10.18
C LEU A 275 -26.86 -5.48 -10.67
N ASN A 276 -26.66 -4.60 -11.64
CA ASN A 276 -27.64 -3.58 -11.97
C ASN A 276 -28.56 -4.07 -13.09
N LYS A 277 -29.61 -3.30 -13.36
CA LYS A 277 -30.53 -3.55 -14.45
C LYS A 277 -31.06 -4.98 -14.42
N GLN A 278 -31.50 -5.40 -13.23
CA GLN A 278 -32.04 -6.74 -13.08
C GLN A 278 -33.30 -6.96 -13.91
N ASP A 279 -34.01 -5.88 -14.25
CA ASP A 279 -35.25 -6.02 -14.99
C ASP A 279 -35.03 -6.32 -16.46
N LEU A 280 -33.90 -5.89 -17.03
CA LEU A 280 -33.61 -6.23 -18.42
C LEU A 280 -33.20 -7.69 -18.56
N LEU A 281 -32.46 -8.21 -17.57
CA LEU A 281 -32.20 -9.65 -17.55
C LEU A 281 -33.49 -10.42 -17.33
N ALA A 282 -34.38 -9.91 -16.46
CA ALA A 282 -35.66 -10.57 -16.25
C ALA A 282 -36.47 -10.62 -17.54
N GLU A 283 -36.49 -9.54 -18.30
CA GLU A 283 -37.20 -9.53 -19.58
C GLU A 283 -36.55 -10.50 -20.57
N LYS A 284 -35.22 -10.52 -20.63
CA LYS A 284 -34.55 -11.32 -21.65
C LYS A 284 -34.68 -12.81 -21.36
N VAL A 285 -34.51 -13.22 -20.10
CA VAL A 285 -34.58 -14.64 -19.77
C VAL A 285 -36.00 -15.16 -19.91
N LEU A 286 -36.99 -14.29 -19.76
CA LEU A 286 -38.39 -14.70 -19.89
C LEU A 286 -38.87 -14.72 -21.34
N ALA A 287 -38.03 -14.34 -22.29
CA ALA A 287 -38.40 -14.37 -23.70
C ALA A 287 -37.30 -15.03 -24.52
N LYS A 291 -30.26 -15.45 -22.39
CA LYS A 291 -29.25 -15.82 -23.39
C LYS A 291 -27.97 -16.28 -22.70
N ILE A 292 -28.09 -16.69 -21.44
CA ILE A 292 -26.92 -17.08 -20.66
C ILE A 292 -26.32 -18.36 -21.21
N GLU A 293 -27.16 -19.33 -21.58
CA GLU A 293 -26.65 -20.65 -21.97
C GLU A 293 -25.70 -20.57 -23.16
N ASP A 294 -25.80 -19.55 -23.99
CA ASP A 294 -24.93 -19.40 -25.15
C ASP A 294 -23.59 -18.74 -24.82
N TYR A 295 -23.44 -18.20 -23.61
CA TYR A 295 -22.17 -17.67 -23.13
C TYR A 295 -21.65 -18.38 -21.89
N PHE A 296 -22.53 -18.94 -21.06
CA PHE A 296 -22.15 -19.69 -19.87
C PHE A 296 -22.86 -21.03 -19.90
N PRO A 297 -22.37 -21.99 -20.69
CA PRO A 297 -23.06 -23.28 -20.81
C PRO A 297 -23.31 -23.98 -19.48
N GLU A 298 -22.44 -23.79 -18.49
CA GLU A 298 -22.65 -24.42 -17.19
C GLU A 298 -23.95 -23.95 -16.54
N PHE A 299 -24.49 -22.81 -16.97
CA PHE A 299 -25.78 -22.37 -16.44
C PHE A 299 -26.88 -23.39 -16.71
N ALA A 300 -26.69 -24.22 -17.73
CA ALA A 300 -27.68 -25.25 -18.01
C ALA A 300 -27.87 -26.19 -16.83
N ARG A 301 -26.85 -26.33 -15.98
CA ARG A 301 -26.91 -27.22 -14.83
C ARG A 301 -27.02 -26.48 -13.50
N TYR A 302 -27.22 -25.16 -13.53
CA TYR A 302 -27.35 -24.39 -12.30
C TYR A 302 -28.78 -24.47 -11.76
N THR A 303 -28.88 -24.62 -10.45
CA THR A 303 -30.16 -24.59 -9.74
C THR A 303 -30.13 -23.51 -8.68
N THR A 304 -31.27 -22.87 -8.47
CA THR A 304 -31.36 -21.82 -7.47
C THR A 304 -30.98 -22.40 -6.10
N PRO A 305 -30.24 -21.67 -5.27
CA PRO A 305 -29.76 -22.27 -4.01
C PRO A 305 -30.80 -22.23 -2.91
N GLU A 306 -30.43 -22.76 -1.74
CA GLU A 306 -31.37 -22.95 -0.65
C GLU A 306 -31.55 -21.71 0.21
N ASP A 307 -30.58 -20.79 0.20
CA ASP A 307 -30.69 -19.55 0.96
C ASP A 307 -31.11 -18.36 0.09
N ALA A 308 -31.62 -18.61 -1.12
CA ALA A 308 -32.09 -17.53 -1.98
C ALA A 308 -33.32 -16.86 -1.36
N THR A 309 -33.44 -15.55 -1.59
CA THR A 309 -34.55 -14.75 -1.07
C THR A 309 -35.18 -13.97 -2.21
N PRO A 310 -35.85 -14.65 -3.12
CA PRO A 310 -36.52 -13.95 -4.23
C PRO A 310 -37.79 -13.26 -3.79
N GLU A 311 -38.20 -12.26 -4.57
CA GLU A 311 -39.45 -11.60 -4.31
C GLU A 311 -40.62 -12.54 -4.60
N PRO A 312 -41.77 -12.32 -3.96
CA PRO A 312 -42.89 -13.26 -4.15
C PRO A 312 -43.46 -13.25 -5.56
N GLY A 313 -43.18 -12.23 -6.36
CA GLY A 313 -43.63 -12.17 -7.74
C GLY A 313 -42.56 -12.47 -8.76
N GLU A 314 -41.43 -13.03 -8.38
CA GLU A 314 -40.29 -13.24 -9.28
C GLU A 314 -40.38 -14.63 -9.92
N ASP A 315 -40.32 -14.65 -11.24
CA ASP A 315 -40.31 -15.92 -11.96
C ASP A 315 -39.02 -16.68 -11.67
N PRO A 316 -39.08 -18.00 -11.39
CA PRO A 316 -37.85 -18.74 -11.06
C PRO A 316 -36.78 -18.62 -12.14
N ARG A 317 -37.21 -18.44 -13.40
CA ARG A 317 -36.26 -18.28 -14.49
C ARG A 317 -35.42 -17.02 -14.34
N VAL A 318 -35.89 -16.04 -13.57
CA VAL A 318 -35.11 -14.85 -13.28
C VAL A 318 -34.27 -15.04 -12.03
N THR A 319 -34.83 -15.72 -11.03
CA THR A 319 -34.11 -15.99 -9.80
C THR A 319 -32.84 -16.77 -10.07
N ARG A 320 -32.95 -17.88 -10.82
CA ARG A 320 -31.78 -18.72 -11.03
C ARG A 320 -30.72 -18.02 -11.86
N ALA A 321 -31.11 -17.14 -12.79
CA ALA A 321 -30.12 -16.41 -13.57
C ALA A 321 -29.42 -15.36 -12.74
N LYS A 322 -30.17 -14.61 -11.93
CA LYS A 322 -29.55 -13.60 -11.08
C LYS A 322 -28.57 -14.26 -10.11
N TYR A 323 -28.98 -15.38 -9.50
CA TYR A 323 -28.11 -16.03 -8.54
C TYR A 323 -26.95 -16.75 -9.24
N PHE A 324 -27.14 -17.18 -10.49
CA PHE A 324 -26.01 -17.70 -11.26
C PHE A 324 -24.95 -16.64 -11.48
N ILE A 325 -25.37 -15.43 -11.86
CA ILE A 325 -24.41 -14.35 -12.07
C ILE A 325 -23.72 -13.99 -10.76
N ARG A 326 -24.50 -13.87 -9.68
CA ARG A 326 -23.92 -13.56 -8.38
C ARG A 326 -22.91 -14.62 -7.97
N ASP A 327 -23.25 -15.91 -8.18
CA ASP A 327 -22.34 -16.99 -7.85
C ASP A 327 -21.11 -16.99 -8.75
N GLU A 328 -21.25 -16.54 -10.00
CA GLU A 328 -20.09 -16.43 -10.87
C GLU A 328 -19.12 -15.38 -10.36
N PHE A 329 -19.63 -14.28 -9.79
CA PHE A 329 -18.73 -13.30 -9.18
C PHE A 329 -18.15 -13.83 -7.86
N LEU A 330 -18.97 -14.50 -7.06
CA LEU A 330 -18.48 -15.03 -5.80
C LEU A 330 -17.47 -16.16 -6.01
N ARG A 331 -17.55 -16.86 -7.13
CA ARG A 331 -16.56 -17.91 -7.43
C ARG A 331 -15.17 -17.33 -7.60
N ILE A 332 -15.07 -16.10 -8.08
CA ILE A 332 -13.79 -15.40 -8.12
C ILE A 332 -13.44 -14.82 -6.76
N SER A 333 -14.41 -14.18 -6.10
CA SER A 333 -14.11 -13.53 -4.83
C SER A 333 -13.66 -14.52 -3.77
N THR A 334 -14.20 -15.74 -3.78
CA THR A 334 -13.93 -16.69 -2.71
C THR A 334 -12.62 -17.46 -2.88
N ALA A 335 -12.02 -17.43 -4.07
CA ALA A 335 -10.86 -18.26 -4.35
C ALA A 335 -9.57 -17.73 -3.74
N SER A 336 -9.57 -16.51 -3.20
CA SER A 336 -8.35 -15.93 -2.65
C SER A 336 -8.73 -14.87 -1.62
N GLY A 337 -7.71 -14.20 -1.08
CA GLY A 337 -7.87 -13.13 -0.12
C GLY A 337 -7.54 -13.51 1.30
N ASP A 338 -7.58 -14.80 1.65
CA ASP A 338 -7.24 -15.28 2.99
C ASP A 338 -7.94 -14.44 4.06
N GLY A 339 -9.16 -13.99 3.76
CA GLY A 339 -9.94 -13.21 4.69
C GLY A 339 -9.59 -11.75 4.76
N ARG A 340 -8.59 -11.29 4.00
CA ARG A 340 -8.16 -9.87 4.07
C ARG A 340 -9.20 -8.98 3.36
N HIS A 341 -9.94 -9.55 2.40
CA HIS A 341 -11.02 -8.78 1.72
C HIS A 341 -12.18 -9.70 1.35
N TYR A 342 -13.39 -9.14 1.23
CA TYR A 342 -14.60 -9.94 0.89
C TYR A 342 -15.45 -9.18 -0.14
N CYS A 343 -16.30 -9.89 -0.87
CA CYS A 343 -17.21 -9.23 -1.85
C CYS A 343 -18.61 -9.13 -1.26
N TYR A 344 -19.33 -8.03 -1.52
CA TYR A 344 -20.66 -7.80 -0.97
C TYR A 344 -21.63 -7.58 -2.13
N PRO A 345 -22.07 -8.66 -2.77
CA PRO A 345 -22.96 -8.51 -3.92
C PRO A 345 -24.35 -8.02 -3.54
N HIS A 346 -24.97 -7.28 -4.45
CA HIS A 346 -26.32 -6.78 -4.27
C HIS A 346 -27.03 -6.78 -5.61
N PHE A 347 -28.34 -7.01 -5.56
CA PHE A 347 -29.20 -6.82 -6.72
C PHE A 347 -29.95 -5.50 -6.57
N THR A 348 -30.06 -4.77 -7.68
CA THR A 348 -30.64 -3.44 -7.63
C THR A 348 -31.25 -3.09 -8.98
N CYS A 349 -32.22 -2.17 -8.95
CA CYS A 349 -32.71 -1.56 -10.16
C CYS A 349 -31.89 -0.32 -10.48
N SER A 350 -32.05 0.17 -11.72
CA SER A 350 -31.29 1.35 -12.12
C SER A 350 -31.57 2.53 -11.19
N VAL A 351 -32.81 2.68 -10.74
CA VAL A 351 -33.23 3.78 -9.87
C VAL A 351 -33.70 3.17 -8.57
N ASP A 352 -33.11 3.60 -7.46
CA ASP A 352 -33.49 3.11 -6.14
C ASP A 352 -33.01 4.13 -5.11
N THR A 353 -33.46 3.93 -3.86
CA THR A 353 -33.07 4.78 -2.75
C THR A 353 -32.27 4.06 -1.69
N GLU A 354 -32.25 2.72 -1.70
CA GLU A 354 -31.53 1.94 -0.70
C GLU A 354 -30.05 1.79 -0.97
N ASN A 355 -29.54 2.29 -2.10
CA ASN A 355 -28.13 2.11 -2.42
C ASN A 355 -27.22 2.74 -1.37
N ILE A 356 -27.58 3.93 -0.89
CA ILE A 356 -26.75 4.61 0.11
C ILE A 356 -26.72 3.80 1.39
N ARG A 357 -27.88 3.30 1.83
CA ARG A 357 -27.93 2.50 3.03
C ARG A 357 -27.14 1.21 2.88
N ARG A 358 -27.21 0.59 1.71
CA ARG A 358 -26.47 -0.65 1.48
C ARG A 358 -24.97 -0.41 1.51
N VAL A 359 -24.51 0.69 0.91
CA VAL A 359 -23.09 1.03 0.98
C VAL A 359 -22.69 1.30 2.41
N PHE A 360 -23.54 1.99 3.17
CA PHE A 360 -23.26 2.26 4.58
C PHE A 360 -23.08 0.96 5.35
N ASN A 361 -24.00 0.01 5.17
CA ASN A 361 -23.94 -1.25 5.89
C ASN A 361 -22.73 -2.08 5.46
N ASP A 362 -22.39 -2.04 4.16
CA ASP A 362 -21.23 -2.78 3.69
C ASP A 362 -19.94 -2.20 4.25
N CYS A 363 -19.85 -0.87 4.35
CA CYS A 363 -18.68 -0.27 5.00
C CYS A 363 -18.63 -0.64 6.47
N ARG A 364 -19.78 -0.66 7.14
CA ARG A 364 -19.81 -1.11 8.53
C ARG A 364 -19.27 -2.52 8.66
N ASP A 365 -19.74 -3.43 7.81
CA ASP A 365 -19.29 -4.81 7.86
C ASP A 365 -17.80 -4.93 7.55
N ILE A 366 -17.31 -4.16 6.58
CA ILE A 366 -15.90 -4.24 6.20
C ILE A 366 -15.03 -3.82 7.37
N ILE A 367 -15.35 -2.68 7.99
CA ILE A 367 -14.50 -2.18 9.06
C ILE A 367 -14.62 -3.06 10.30
N GLN A 368 -15.83 -3.53 10.60
CA GLN A 368 -16.02 -4.42 11.73
C GLN A 368 -15.23 -5.71 11.55
N ARG A 369 -15.26 -6.28 10.34
CA ARG A 369 -14.51 -7.51 10.08
C ARG A 369 -13.00 -7.24 10.17
N MET A 370 -12.55 -6.09 9.69
CA MET A 370 -11.13 -5.75 9.82
C MET A 370 -10.72 -5.69 11.29
N HIS A 371 -11.51 -5.01 12.11
CA HIS A 371 -11.17 -4.91 13.53
C HIS A 371 -11.23 -6.28 14.21
N LEU A 372 -12.23 -7.10 13.86
CA LEU A 372 -12.31 -8.43 14.45
C LEU A 372 -11.11 -9.29 14.04
N ARG A 373 -10.63 -9.13 12.81
CA ARG A 373 -9.40 -9.80 12.40
C ARG A 373 -8.22 -9.32 13.23
N GLN A 374 -8.15 -8.01 13.50
CA GLN A 374 -7.04 -7.47 14.28
C GLN A 374 -6.95 -8.12 15.65
N TYR A 375 -8.08 -8.42 16.28
CA TYR A 375 -8.12 -8.94 17.64
C TYR A 375 -8.20 -10.46 17.69
N GLU A 376 -8.03 -11.13 16.55
CA GLU A 376 -8.09 -12.59 16.49
C GLU A 376 -9.42 -13.11 17.01
N LEU A 377 -10.50 -12.38 16.71
CA LEU A 377 -11.86 -12.81 17.02
C LEU A 377 -12.60 -13.28 15.77
N LEU A 378 -11.91 -13.37 14.64
CA LEU A 378 -12.55 -13.74 13.38
C LEU A 378 -11.50 -14.22 12.38
N GLU B 19 -2.48 -0.34 -49.85
CA GLU B 19 -1.29 0.43 -49.52
C GLU B 19 -0.74 0.04 -48.15
N LEU B 20 -1.61 -0.55 -47.32
CA LEU B 20 -1.20 -0.89 -45.96
C LEU B 20 -0.09 -1.94 -45.94
N ASP B 21 -0.18 -2.95 -46.81
CA ASP B 21 0.83 -3.99 -46.83
C ASP B 21 2.18 -3.45 -47.27
N GLN B 22 2.19 -2.54 -48.26
CA GLN B 22 3.45 -1.96 -48.71
C GLN B 22 4.08 -1.13 -47.60
N LEU B 23 3.26 -0.38 -46.86
CA LEU B 23 3.80 0.43 -45.77
C LEU B 23 4.31 -0.45 -44.64
N ARG B 24 3.62 -1.56 -44.35
CA ARG B 24 4.12 -2.48 -43.33
C ARG B 24 5.45 -3.08 -43.75
N GLN B 25 5.58 -3.48 -45.02
CA GLN B 25 6.85 -4.05 -45.49
C GLN B 25 7.96 -3.00 -45.45
N GLU B 26 7.65 -1.76 -45.84
CA GLU B 26 8.65 -0.70 -45.77
C GLU B 26 9.08 -0.45 -44.33
N ALA B 27 8.13 -0.45 -43.39
CA ALA B 27 8.47 -0.26 -41.98
C ALA B 27 9.37 -1.39 -41.49
N GLU B 28 9.06 -2.62 -41.87
CA GLU B 28 9.92 -3.74 -41.47
C GLU B 28 11.31 -3.61 -42.06
N GLN B 29 11.40 -3.21 -43.33
CA GLN B 29 12.71 -3.01 -43.95
C GLN B 29 13.51 -1.93 -43.24
N LEU B 30 12.85 -0.82 -42.89
CA LEU B 30 13.54 0.25 -42.18
C LEU B 30 13.98 -0.19 -40.78
N LYS B 31 13.15 -0.98 -40.10
CA LYS B 31 13.55 -1.50 -38.79
C LYS B 31 14.74 -2.42 -38.91
N ASN B 32 14.78 -3.26 -39.96
CA ASN B 32 15.94 -4.12 -40.16
C ASN B 32 17.19 -3.30 -40.47
N GLN B 33 17.04 -2.25 -41.27
CA GLN B 33 18.19 -1.39 -41.56
C GLN B 33 18.70 -0.71 -40.31
N ILE B 34 17.80 -0.24 -39.45
CA ILE B 34 18.22 0.40 -38.20
C ILE B 34 18.91 -0.61 -37.30
N ARG B 35 18.38 -1.83 -37.20
CA ARG B 35 19.02 -2.86 -36.39
C ARG B 35 20.41 -3.18 -36.91
N ASP B 36 20.58 -3.26 -38.24
CA ASP B 36 21.91 -3.51 -38.79
C ASP B 36 22.86 -2.35 -38.51
N ALA B 37 22.37 -1.12 -38.62
CA ALA B 37 23.21 0.04 -38.31
C ALA B 37 23.64 0.02 -36.85
N ARG B 38 22.75 -0.39 -35.95
CA ARG B 38 23.13 -0.49 -34.54
C ARG B 38 24.13 -1.62 -34.31
N LYS B 39 23.92 -2.77 -34.95
CA LYS B 39 24.87 -3.87 -34.82
C LYS B 39 26.26 -3.48 -35.33
N ALA B 40 26.32 -2.62 -36.36
CA ALA B 40 27.61 -2.24 -36.91
C ALA B 40 28.53 -1.60 -35.88
N CYS B 41 27.97 -0.98 -34.85
CA CYS B 41 28.75 -0.24 -33.86
C CYS B 41 29.08 -1.06 -32.63
N ALA B 42 28.60 -2.30 -32.54
CA ALA B 42 28.81 -3.12 -31.34
C ALA B 42 30.16 -3.82 -31.41
N ASP B 43 31.21 -3.01 -31.22
CA ASP B 43 32.58 -3.51 -31.24
C ASP B 43 33.03 -4.04 -29.88
N ALA B 44 32.53 -3.48 -28.79
CA ALA B 44 32.88 -3.94 -27.45
C ALA B 44 31.78 -3.49 -26.49
N THR B 45 31.76 -4.11 -25.32
CA THR B 45 30.79 -3.78 -24.30
C THR B 45 31.42 -2.89 -23.23
N LEU B 46 30.55 -2.18 -22.50
CA LEU B 46 31.02 -1.37 -21.38
C LEU B 46 31.62 -2.25 -20.29
N SER B 47 31.06 -3.46 -20.10
CA SER B 47 31.57 -4.37 -19.08
C SER B 47 32.97 -4.86 -19.39
N GLN B 48 33.41 -4.77 -20.65
CA GLN B 48 34.77 -5.14 -21.03
C GLN B 48 35.72 -3.96 -20.87
N ILE B 49 35.29 -2.77 -21.27
CA ILE B 49 36.12 -1.58 -21.14
C ILE B 49 36.37 -1.24 -19.68
N THR B 50 35.35 -1.44 -18.83
CA THR B 50 35.45 -1.07 -17.43
C THR B 50 36.08 -2.16 -16.57
N ASN B 51 36.57 -3.25 -17.17
CA ASN B 51 37.23 -4.28 -16.38
C ASN B 51 38.50 -3.79 -15.70
N ASN B 52 39.11 -2.72 -16.22
CA ASN B 52 40.32 -2.16 -15.66
C ASN B 52 40.06 -0.96 -14.75
N ILE B 53 38.81 -0.71 -14.39
CA ILE B 53 38.43 0.42 -13.55
C ILE B 53 38.17 -0.13 -12.15
N ASP B 54 38.78 0.49 -11.15
CA ASP B 54 38.63 0.02 -9.78
C ASP B 54 37.17 0.12 -9.35
N PRO B 55 36.67 -0.82 -8.56
CA PRO B 55 35.29 -0.72 -8.06
C PRO B 55 35.16 0.40 -7.05
N VAL B 56 33.92 0.90 -6.93
CA VAL B 56 33.63 1.93 -5.94
C VAL B 56 33.78 1.39 -4.52
N GLY B 57 33.84 0.08 -4.36
CA GLY B 57 33.92 -0.51 -3.03
C GLY B 57 32.53 -0.69 -2.44
N ARG B 58 32.50 -0.79 -1.11
CA ARG B 58 31.25 -0.87 -0.38
C ARG B 58 30.77 0.54 -0.09
N ILE B 59 29.57 0.86 -0.55
CA ILE B 59 28.94 2.16 -0.31
C ILE B 59 27.92 1.99 0.80
N GLN B 60 28.03 2.80 1.85
CA GLN B 60 27.07 2.79 2.94
C GLN B 60 26.54 4.20 3.16
N MET B 61 25.24 4.27 3.45
CA MET B 61 24.59 5.52 3.78
C MET B 61 23.72 5.30 5.01
N ARG B 62 23.50 6.38 5.75
CA ARG B 62 22.68 6.36 6.94
C ARG B 62 21.60 7.42 6.80
N THR B 63 20.44 7.15 7.38
CA THR B 63 19.37 8.13 7.36
C THR B 63 19.77 9.30 8.23
N ARG B 64 19.91 10.47 7.62
CA ARG B 64 20.33 11.67 8.32
C ARG B 64 19.16 12.49 8.83
N ARG B 65 18.08 12.56 8.06
CA ARG B 65 16.86 13.21 8.50
C ARG B 65 15.66 12.37 8.13
N THR B 66 14.60 12.47 8.94
CA THR B 66 13.31 11.89 8.61
C THR B 66 12.27 13.00 8.69
N LEU B 67 11.52 13.18 7.61
CA LEU B 67 10.53 14.25 7.50
C LEU B 67 9.15 13.63 7.57
N ARG B 68 8.36 14.10 8.53
CA ARG B 68 7.02 13.60 8.83
C ARG B 68 6.02 14.74 8.73
N GLY B 69 4.75 14.38 8.51
CA GLY B 69 3.71 15.39 8.38
C GLY B 69 2.67 15.06 7.34
N HIS B 70 3.01 14.23 6.36
CA HIS B 70 2.04 13.75 5.39
C HIS B 70 1.17 12.66 6.00
N LEU B 71 -0.07 12.58 5.54
CA LEU B 71 -1.04 11.64 6.07
C LEU B 71 -1.31 10.46 5.15
N ALA B 72 -0.78 10.47 3.93
CA ALA B 72 -1.08 9.43 2.96
C ALA B 72 0.19 9.17 2.14
N LYS B 73 0.03 8.39 1.07
CA LYS B 73 1.16 8.09 0.20
C LYS B 73 1.80 9.37 -0.30
N ILE B 74 3.13 9.38 -0.34
CA ILE B 74 3.89 10.45 -0.99
C ILE B 74 4.18 9.99 -2.41
N TYR B 75 3.64 10.72 -3.39
CA TYR B 75 3.77 10.29 -4.77
C TYR B 75 4.93 10.94 -5.50
N ALA B 76 5.29 12.17 -5.14
CA ALA B 76 6.32 12.90 -5.86
C ALA B 76 7.15 13.71 -4.88
N MET B 77 8.39 13.97 -5.27
CA MET B 77 9.32 14.76 -4.48
C MET B 77 10.33 15.38 -5.46
N HIS B 78 10.73 16.62 -5.19
CA HIS B 78 11.70 17.28 -6.05
C HIS B 78 12.54 18.25 -5.23
N TRP B 79 13.86 18.19 -5.43
CA TRP B 79 14.78 19.07 -4.75
C TRP B 79 14.76 20.46 -5.36
N GLY B 80 15.05 21.47 -4.55
CA GLY B 80 15.30 22.80 -5.06
C GLY B 80 16.71 22.92 -5.59
N THR B 81 16.97 24.04 -6.26
CA THR B 81 18.30 24.29 -6.82
C THR B 81 19.30 24.79 -5.79
N ASP B 82 18.84 25.13 -4.59
CA ASP B 82 19.72 25.56 -3.52
C ASP B 82 20.15 24.41 -2.62
N SER B 83 19.69 23.19 -2.89
CA SER B 83 20.08 21.99 -2.15
C SER B 83 19.65 22.04 -0.69
N ARG B 84 18.65 22.84 -0.38
CA ARG B 84 18.16 22.92 0.98
C ARG B 84 16.64 22.77 1.10
N LEU B 85 15.89 23.15 0.09
CA LEU B 85 14.44 23.03 0.14
C LEU B 85 13.96 21.80 -0.65
N LEU B 86 12.89 21.21 -0.15
CA LEU B 86 12.24 20.07 -0.79
C LEU B 86 10.78 20.41 -0.97
N VAL B 87 10.18 19.90 -2.05
CA VAL B 87 8.73 19.90 -2.21
C VAL B 87 8.28 18.47 -2.37
N SER B 88 7.27 18.07 -1.60
CA SER B 88 6.71 16.74 -1.71
C SER B 88 5.19 16.83 -1.81
N ALA B 89 4.59 15.87 -2.49
CA ALA B 89 3.15 15.84 -2.71
C ALA B 89 2.59 14.53 -2.17
N SER B 90 1.46 14.62 -1.47
CA SER B 90 0.84 13.42 -0.92
C SER B 90 -0.61 13.35 -1.36
N GLN B 91 -1.19 12.17 -1.17
CA GLN B 91 -2.56 11.89 -1.57
C GLN B 91 -3.58 12.43 -0.56
N ASP B 92 -3.15 13.25 0.39
CA ASP B 92 -4.06 14.03 1.21
C ASP B 92 -4.60 15.24 0.48
N GLY B 93 -3.99 15.61 -0.63
CA GLY B 93 -4.27 16.87 -1.27
C GLY B 93 -3.37 18.00 -0.81
N LYS B 94 -2.13 17.69 -0.42
CA LYS B 94 -1.22 18.69 0.08
C LYS B 94 0.17 18.55 -0.53
N LEU B 95 0.76 19.71 -0.81
CA LEU B 95 2.18 19.85 -1.04
C LEU B 95 2.82 20.39 0.24
N ILE B 96 4.00 19.91 0.56
CA ILE B 96 4.77 20.42 1.68
C ILE B 96 6.14 20.84 1.18
N ILE B 97 6.51 22.07 1.49
CA ILE B 97 7.84 22.60 1.20
C ILE B 97 8.61 22.61 2.51
N TRP B 98 9.68 21.81 2.57
CA TRP B 98 10.51 21.62 3.75
C TRP B 98 11.85 22.29 3.58
N ASP B 99 12.41 22.74 4.71
CA ASP B 99 13.81 23.15 4.80
C ASP B 99 14.58 21.95 5.35
N SER B 100 15.33 21.28 4.49
CA SER B 100 15.91 19.99 4.85
C SER B 100 16.99 20.12 5.92
N TYR B 101 17.65 21.28 6.05
CA TYR B 101 18.71 21.41 7.02
C TYR B 101 18.18 21.46 8.44
N THR B 102 16.97 21.97 8.65
CA THR B 102 16.38 22.09 9.97
C THR B 102 15.21 21.14 10.20
N THR B 103 14.64 20.55 9.15
CA THR B 103 13.48 19.67 9.18
C THR B 103 12.20 20.45 9.41
N ASN B 104 12.26 21.78 9.50
CA ASN B 104 11.05 22.58 9.65
C ASN B 104 10.33 22.69 8.32
N LYS B 105 9.00 22.74 8.39
CA LYS B 105 8.20 22.97 7.20
C LYS B 105 8.19 24.46 6.87
N VAL B 106 8.39 24.77 5.60
CA VAL B 106 8.40 26.15 5.13
C VAL B 106 7.04 26.54 4.56
N HIS B 107 6.40 25.63 3.82
CA HIS B 107 5.05 25.89 3.32
C HIS B 107 4.23 24.62 3.36
N ALA B 108 2.91 24.80 3.45
CA ALA B 108 1.95 23.72 3.25
C ALA B 108 0.85 24.25 2.35
N ILE B 109 0.68 23.61 1.19
CA ILE B 109 -0.24 24.08 0.16
C ILE B 109 -1.38 23.07 0.02
N PRO B 110 -2.60 23.41 0.45
CA PRO B 110 -3.75 22.56 0.12
C PRO B 110 -4.04 22.60 -1.38
N LEU B 111 -4.47 21.46 -1.90
CA LEU B 111 -4.72 21.32 -3.33
C LEU B 111 -6.19 21.07 -3.62
N ARG B 112 -6.61 21.47 -4.83
CA ARG B 112 -8.01 21.34 -5.20
C ARG B 112 -8.46 19.89 -5.21
N SER B 113 -7.60 18.98 -5.65
CA SER B 113 -7.90 17.56 -5.66
C SER B 113 -6.75 16.78 -5.05
N SER B 114 -7.09 15.67 -4.40
CA SER B 114 -6.12 14.92 -3.61
C SER B 114 -5.30 13.95 -4.46
N TRP B 115 -5.70 13.70 -5.70
CA TRP B 115 -5.04 12.70 -6.53
C TRP B 115 -3.88 13.35 -7.29
N VAL B 116 -2.78 13.54 -6.57
CA VAL B 116 -1.58 14.17 -7.11
C VAL B 116 -0.55 13.10 -7.37
N MET B 117 -0.07 13.03 -8.61
CA MET B 117 0.93 12.05 -9.01
C MET B 117 2.31 12.65 -9.25
N THR B 118 2.39 13.96 -9.48
CA THR B 118 3.65 14.62 -9.77
C THR B 118 3.71 15.97 -9.06
N CYS B 119 4.92 16.47 -8.89
CA CYS B 119 5.16 17.81 -8.38
C CYS B 119 6.55 18.25 -8.84
N ALA B 120 6.74 19.56 -8.93
CA ALA B 120 7.96 20.10 -9.49
C ALA B 120 8.29 21.42 -8.82
N TYR B 121 9.60 21.66 -8.65
CA TYR B 121 10.12 22.90 -8.09
C TYR B 121 10.79 23.70 -9.19
N ALA B 122 10.44 24.97 -9.32
CA ALA B 122 11.05 25.80 -10.35
C ALA B 122 12.54 25.98 -10.07
N PRO B 123 13.37 26.04 -11.13
CA PRO B 123 14.81 26.26 -10.90
C PRO B 123 15.11 27.60 -10.27
N SER B 124 14.21 28.57 -10.38
CA SER B 124 14.38 29.87 -9.73
C SER B 124 13.88 29.88 -8.30
N GLY B 125 13.08 28.88 -7.90
CA GLY B 125 12.52 28.85 -6.57
C GLY B 125 11.27 29.67 -6.40
N ASN B 126 10.73 30.24 -7.47
CA ASN B 126 9.57 31.11 -7.36
C ASN B 126 8.24 30.38 -7.46
N TYR B 127 8.20 29.26 -8.19
CA TYR B 127 6.93 28.59 -8.49
C TYR B 127 7.04 27.11 -8.16
N VAL B 128 5.87 26.50 -7.92
CA VAL B 128 5.76 25.06 -7.69
C VAL B 128 4.63 24.53 -8.56
N ALA B 129 4.86 23.43 -9.26
CA ALA B 129 3.87 22.82 -10.13
C ALA B 129 3.45 21.47 -9.58
N CYS B 130 2.21 21.08 -9.88
CA CYS B 130 1.71 19.76 -9.49
C CYS B 130 0.57 19.37 -10.41
N GLY B 131 0.15 18.12 -10.29
CA GLY B 131 -0.95 17.62 -11.09
C GLY B 131 -1.15 16.14 -10.85
N GLY B 132 -2.11 15.58 -11.57
CA GLY B 132 -2.47 14.19 -11.37
C GLY B 132 -3.72 13.75 -12.10
N LEU B 133 -4.63 13.07 -11.41
CA LEU B 133 -5.77 12.42 -12.04
C LEU B 133 -6.80 13.40 -12.56
N ASP B 134 -6.71 14.69 -12.23
CA ASP B 134 -7.65 15.68 -12.74
C ASP B 134 -7.25 16.24 -14.10
N ASN B 135 -6.15 15.76 -14.68
CA ASN B 135 -5.71 16.15 -16.01
C ASN B 135 -5.35 17.62 -16.11
N ILE B 136 -5.09 18.27 -14.98
CA ILE B 136 -4.80 19.70 -14.93
C ILE B 136 -3.51 19.90 -14.16
N CYS B 137 -2.61 20.71 -14.71
CA CYS B 137 -1.35 21.05 -14.05
C CYS B 137 -1.49 22.43 -13.41
N SER B 138 -1.38 22.48 -12.09
CA SER B 138 -1.54 23.72 -11.34
C SER B 138 -0.16 24.27 -10.97
N ILE B 139 -0.01 25.58 -11.17
CA ILE B 139 1.24 26.28 -10.91
C ILE B 139 0.94 27.33 -9.84
N TYR B 140 1.61 27.20 -8.69
CA TYR B 140 1.47 28.07 -7.54
C TYR B 140 2.67 29.00 -7.44
N ASN B 141 2.39 30.26 -7.10
CA ASN B 141 3.41 31.29 -6.95
C ASN B 141 3.82 31.35 -5.48
N LEU B 142 5.07 30.98 -5.19
CA LEU B 142 5.56 31.02 -3.82
C LEU B 142 5.92 32.44 -3.39
N LYS B 143 6.38 33.28 -4.33
CA LYS B 143 6.78 34.65 -4.03
C LYS B 143 5.53 35.52 -3.99
N THR B 144 4.78 35.38 -2.91
CA THR B 144 3.52 36.07 -2.71
C THR B 144 3.72 37.22 -1.73
N ARG B 145 3.24 38.40 -2.11
CA ARG B 145 3.45 39.59 -1.28
C ARG B 145 2.74 39.48 0.06
N GLU B 146 1.65 38.70 0.14
CA GLU B 146 0.87 38.58 1.36
C GLU B 146 1.27 37.39 2.22
N GLY B 147 2.15 36.52 1.73
CA GLY B 147 2.44 35.27 2.40
C GLY B 147 1.43 34.19 2.14
N ASN B 148 0.38 34.47 1.38
CA ASN B 148 -0.64 33.48 1.04
C ASN B 148 -0.31 32.90 -0.34
N VAL B 149 -0.04 31.61 -0.39
CA VAL B 149 0.30 30.95 -1.64
C VAL B 149 -0.98 30.72 -2.44
N ARG B 150 -1.01 31.21 -3.66
CA ARG B 150 -2.19 31.13 -4.52
C ARG B 150 -1.82 30.46 -5.83
N VAL B 151 -2.83 29.88 -6.48
CA VAL B 151 -2.61 29.30 -7.80
C VAL B 151 -2.34 30.41 -8.79
N SER B 152 -1.18 30.37 -9.44
CA SER B 152 -0.86 31.36 -10.44
C SER B 152 -1.41 30.98 -11.82
N ARG B 153 -1.52 29.68 -12.10
CA ARG B 153 -2.19 29.27 -13.34
C ARG B 153 -2.62 27.82 -13.26
N GLU B 154 -3.54 27.45 -14.14
CA GLU B 154 -3.91 26.06 -14.36
C GLU B 154 -3.84 25.77 -15.86
N LEU B 155 -3.18 24.66 -16.20
CA LEU B 155 -3.03 24.20 -17.57
C LEU B 155 -3.91 22.98 -17.76
N ALA B 156 -4.89 23.08 -18.67
CA ALA B 156 -6.00 22.13 -18.75
C ALA B 156 -6.23 21.67 -20.20
N GLY B 157 -5.14 21.28 -20.86
CA GLY B 157 -5.23 20.79 -22.23
C GLY B 157 -5.03 19.31 -22.43
N HIS B 158 -4.83 18.52 -21.39
CA HIS B 158 -4.63 17.08 -21.53
C HIS B 158 -5.95 16.34 -21.41
N THR B 159 -5.99 15.14 -22.00
CA THR B 159 -7.15 14.28 -21.95
C THR B 159 -6.85 12.99 -21.18
N GLY B 160 -5.93 13.06 -20.22
CA GLY B 160 -5.57 11.91 -19.42
C GLY B 160 -4.82 12.36 -18.19
N TYR B 161 -4.71 11.45 -17.23
CA TYR B 161 -4.11 11.81 -15.95
C TYR B 161 -2.71 12.36 -16.17
N LEU B 162 -2.39 13.43 -15.45
CA LEU B 162 -1.12 14.12 -15.65
C LEU B 162 0.01 13.36 -14.98
N SER B 163 1.12 13.25 -15.69
CA SER B 163 2.30 12.54 -15.18
C SER B 163 3.44 13.53 -15.07
N CYS B 164 4.66 13.04 -14.82
CA CYS B 164 5.77 13.91 -14.46
C CYS B 164 5.75 15.20 -15.26
N CYS B 165 5.98 16.32 -14.56
CA CYS B 165 6.07 17.64 -15.16
C CYS B 165 7.32 18.34 -14.64
N ARG B 166 7.99 19.08 -15.52
CA ARG B 166 9.26 19.71 -15.19
C ARG B 166 9.30 21.12 -15.76
N PHE B 167 9.75 22.07 -14.94
CA PHE B 167 9.92 23.44 -15.38
C PHE B 167 11.12 23.54 -16.32
N LEU B 168 10.93 24.24 -17.43
CA LEU B 168 12.03 24.60 -18.32
C LEU B 168 12.61 25.96 -17.95
N ASP B 169 11.72 26.88 -17.57
CA ASP B 169 12.08 28.14 -16.93
C ASP B 169 10.81 28.68 -16.29
N ASP B 170 10.88 29.91 -15.78
CA ASP B 170 9.71 30.48 -15.13
C ASP B 170 8.52 30.62 -16.08
N ASN B 171 8.76 30.59 -17.39
CA ASN B 171 7.72 30.83 -18.38
C ASN B 171 7.38 29.61 -19.23
N GLN B 172 8.05 28.47 -19.03
CA GLN B 172 7.79 27.29 -19.84
C GLN B 172 7.82 26.05 -18.95
N ILE B 173 6.90 25.12 -19.21
CA ILE B 173 6.86 23.85 -18.48
C ILE B 173 6.58 22.71 -19.45
N VAL B 174 7.26 21.58 -19.25
CA VAL B 174 7.06 20.39 -20.07
C VAL B 174 6.31 19.36 -19.23
N THR B 175 5.18 18.89 -19.73
CA THR B 175 4.33 17.95 -19.03
C THR B 175 4.14 16.69 -19.87
N SER B 176 3.83 15.60 -19.16
CA SER B 176 3.47 14.33 -19.79
C SER B 176 2.22 13.81 -19.09
N SER B 177 1.46 12.98 -19.79
CA SER B 177 0.17 12.54 -19.29
C SER B 177 -0.12 11.14 -19.81
N GLY B 178 -1.25 10.60 -19.38
CA GLY B 178 -1.71 9.30 -19.80
C GLY B 178 -2.36 9.24 -21.16
N ASP B 179 -2.53 10.39 -21.81
CA ASP B 179 -3.08 10.45 -23.15
C ASP B 179 -2.06 10.20 -24.23
N THR B 180 -0.85 9.74 -23.91
CA THR B 180 0.22 9.32 -24.82
C THR B 180 1.02 10.48 -25.38
N THR B 181 0.70 11.72 -25.04
CA THR B 181 1.41 12.88 -25.59
C THR B 181 2.20 13.58 -24.48
N CYS B 182 3.16 14.40 -24.91
CA CYS B 182 3.83 15.35 -24.05
C CYS B 182 3.56 16.75 -24.58
N ALA B 183 3.74 17.75 -23.73
CA ALA B 183 3.45 19.12 -24.14
C ALA B 183 4.47 20.08 -23.55
N LEU B 184 4.83 21.08 -24.35
CA LEU B 184 5.53 22.26 -23.90
C LEU B 184 4.52 23.39 -23.80
N TRP B 185 4.31 23.87 -22.58
CA TRP B 185 3.32 24.89 -22.24
C TRP B 185 4.02 26.21 -21.95
N ASP B 186 3.42 27.30 -22.42
CA ASP B 186 3.80 28.66 -22.08
C ASP B 186 2.95 29.11 -20.89
N ILE B 187 3.58 29.22 -19.72
CA ILE B 187 2.83 29.51 -18.50
C ILE B 187 2.17 30.87 -18.55
N GLU B 188 2.71 31.81 -19.33
CA GLU B 188 2.17 33.17 -19.32
C GLU B 188 0.77 33.23 -19.89
N THR B 189 0.47 32.42 -20.90
CA THR B 189 -0.83 32.44 -21.56
C THR B 189 -1.68 31.21 -21.27
N GLY B 190 -1.11 30.18 -20.66
CA GLY B 190 -1.86 28.97 -20.40
C GLY B 190 -2.15 28.15 -21.63
N GLN B 191 -1.33 28.27 -22.66
CA GLN B 191 -1.53 27.59 -23.93
C GLN B 191 -0.41 26.59 -24.17
N GLN B 192 -0.73 25.54 -24.91
CA GLN B 192 0.30 24.61 -25.38
C GLN B 192 1.01 25.23 -26.56
N THR B 193 2.34 25.24 -26.50
CA THR B 193 3.16 25.74 -27.59
C THR B 193 3.79 24.63 -28.40
N THR B 194 3.97 23.45 -27.82
CA THR B 194 4.38 22.29 -28.60
C THR B 194 3.70 21.03 -28.08
N THR B 195 3.33 20.14 -28.99
CA THR B 195 2.84 18.82 -28.64
C THR B 195 3.76 17.77 -29.23
N PHE B 196 4.17 16.81 -28.40
CA PHE B 196 5.07 15.73 -28.81
C PHE B 196 4.27 14.44 -28.79
N THR B 197 4.04 13.88 -29.97
CA THR B 197 3.25 12.66 -30.14
C THR B 197 4.10 11.59 -30.80
N GLY B 198 3.72 10.33 -30.57
CA GLY B 198 4.49 9.22 -31.06
C GLY B 198 4.54 8.04 -30.12
N HIS B 199 4.23 8.27 -28.84
CA HIS B 199 4.03 7.18 -27.91
C HIS B 199 2.66 6.56 -28.11
N THR B 200 2.55 5.27 -27.79
CA THR B 200 1.29 4.56 -27.87
C THR B 200 0.68 4.26 -26.51
N GLY B 201 1.51 4.07 -25.49
CA GLY B 201 1.02 3.92 -24.13
C GLY B 201 1.14 5.20 -23.33
N ASP B 202 0.77 5.11 -22.06
CA ASP B 202 0.91 6.25 -21.16
C ASP B 202 2.38 6.62 -21.01
N VAL B 203 2.63 7.93 -20.97
CA VAL B 203 3.98 8.45 -20.74
C VAL B 203 4.18 8.58 -19.24
N MET B 204 5.20 7.91 -18.72
CA MET B 204 5.35 7.76 -17.27
C MET B 204 6.29 8.75 -16.63
N SER B 205 7.37 9.15 -17.30
CA SER B 205 8.35 10.03 -16.67
C SER B 205 9.07 10.85 -17.73
N LEU B 206 9.45 12.07 -17.35
CA LEU B 206 10.24 12.98 -18.18
C LEU B 206 11.60 13.19 -17.55
N SER B 207 12.58 13.54 -18.39
CA SER B 207 13.88 13.97 -17.92
C SER B 207 14.41 15.03 -18.87
N LEU B 208 14.81 16.17 -18.34
CA LEU B 208 15.31 17.27 -19.14
C LEU B 208 16.82 17.21 -19.23
N ALA B 209 17.36 17.53 -20.41
CA ALA B 209 18.80 17.55 -20.58
C ALA B 209 19.41 18.71 -19.79
N PRO B 210 20.67 18.58 -19.38
CA PRO B 210 21.31 19.69 -18.64
C PRO B 210 21.36 20.98 -19.42
N ASP B 211 21.31 20.94 -20.75
CA ASP B 211 21.27 22.15 -21.57
C ASP B 211 19.85 22.56 -21.94
N THR B 212 18.84 21.83 -21.45
CA THR B 212 17.43 22.14 -21.72
C THR B 212 17.18 22.43 -23.19
N ARG B 213 17.80 21.66 -24.08
CA ARG B 213 17.48 21.67 -25.49
C ARG B 213 16.82 20.39 -25.95
N LEU B 214 17.05 19.29 -25.24
CA LEU B 214 16.42 18.00 -25.50
C LEU B 214 15.81 17.49 -24.21
N PHE B 215 14.85 16.57 -24.34
CA PHE B 215 14.38 15.81 -23.19
C PHE B 215 14.10 14.39 -23.63
N VAL B 216 13.95 13.50 -22.67
CA VAL B 216 13.71 12.08 -22.94
C VAL B 216 12.47 11.63 -22.18
N SER B 217 11.61 10.89 -22.86
CA SER B 217 10.31 10.49 -22.34
C SER B 217 10.16 8.98 -22.45
N GLY B 218 9.86 8.33 -21.32
CA GLY B 218 9.59 6.90 -21.30
C GLY B 218 8.10 6.62 -21.25
N ALA B 219 7.70 5.50 -21.86
CA ALA B 219 6.27 5.22 -21.96
C ALA B 219 6.00 3.77 -21.60
N CYS B 220 4.71 3.42 -21.63
CA CYS B 220 4.24 2.07 -21.33
C CYS B 220 4.31 1.20 -22.58
N ASP B 221 5.11 1.62 -23.56
CA ASP B 221 5.40 0.82 -24.73
C ASP B 221 6.69 0.03 -24.56
N ALA B 222 7.33 0.09 -23.39
CA ALA B 222 8.66 -0.47 -23.20
C ALA B 222 9.68 0.24 -24.08
N SER B 223 9.53 1.56 -24.19
CA SER B 223 10.38 2.35 -25.06
C SER B 223 10.52 3.76 -24.50
N ALA B 224 11.54 4.46 -25.00
CA ALA B 224 11.82 5.84 -24.64
C ALA B 224 12.14 6.61 -25.90
N LYS B 225 11.85 7.90 -25.88
CA LYS B 225 12.07 8.76 -27.03
C LYS B 225 12.84 10.00 -26.62
N LEU B 226 13.87 10.32 -27.39
CA LEU B 226 14.63 11.56 -27.24
C LEU B 226 14.00 12.60 -28.16
N TRP B 227 13.47 13.66 -27.54
CA TRP B 227 12.70 14.73 -28.17
C TRP B 227 13.49 16.03 -28.22
N ASP B 228 13.33 16.75 -29.33
CA ASP B 228 13.89 18.09 -29.51
C ASP B 228 12.85 19.12 -29.08
N VAL B 229 13.18 19.91 -28.05
CA VAL B 229 12.20 20.82 -27.48
C VAL B 229 11.76 21.87 -28.51
N ARG B 230 12.72 22.45 -29.24
CA ARG B 230 12.40 23.60 -30.07
C ARG B 230 11.68 23.21 -31.35
N GLU B 231 12.01 22.06 -31.93
CA GLU B 231 11.44 21.66 -33.20
C GLU B 231 10.14 20.87 -33.05
N GLY B 232 9.94 20.20 -31.92
CA GLY B 232 8.75 19.39 -31.71
C GLY B 232 8.82 18.02 -32.33
N MET B 233 9.98 17.58 -32.80
CA MET B 233 10.16 16.30 -33.45
C MET B 233 10.76 15.28 -32.49
N CYS B 234 10.55 14.00 -32.78
CA CYS B 234 11.20 12.93 -32.06
C CYS B 234 12.53 12.63 -32.74
N ARG B 235 13.62 12.86 -32.02
CA ARG B 235 14.95 12.70 -32.59
C ARG B 235 15.44 11.26 -32.55
N GLN B 236 15.09 10.52 -31.51
CA GLN B 236 15.63 9.17 -31.39
C GLN B 236 14.64 8.28 -30.64
N THR B 237 14.54 7.02 -31.04
CA THR B 237 13.73 6.04 -30.33
C THR B 237 14.62 4.93 -29.80
N PHE B 238 14.55 4.68 -28.50
CA PHE B 238 15.31 3.63 -27.84
C PHE B 238 14.37 2.58 -27.28
N THR B 239 14.79 1.32 -27.38
CA THR B 239 14.01 0.19 -26.90
C THR B 239 14.97 -0.79 -26.23
N GLY B 240 14.43 -1.93 -25.81
CA GLY B 240 15.19 -2.94 -25.10
C GLY B 240 14.58 -3.40 -23.80
N HIS B 241 13.64 -2.66 -23.23
CA HIS B 241 12.90 -3.12 -22.06
C HIS B 241 11.79 -4.06 -22.49
N GLU B 242 11.39 -4.93 -21.57
CA GLU B 242 10.33 -5.90 -21.84
C GLU B 242 8.96 -5.40 -21.41
N SER B 243 8.88 -4.48 -20.45
CA SER B 243 7.60 -4.00 -19.95
C SER B 243 7.69 -2.48 -19.78
N ASP B 244 6.69 -1.92 -19.11
CA ASP B 244 6.53 -0.48 -19.02
C ASP B 244 7.73 0.17 -18.33
N ILE B 245 8.11 1.35 -18.82
CA ILE B 245 9.17 2.13 -18.21
C ILE B 245 8.54 3.09 -17.19
N ASN B 246 9.01 3.01 -15.94
CA ASN B 246 8.46 3.79 -14.86
C ASN B 246 9.29 5.01 -14.49
N ALA B 247 10.60 5.00 -14.77
CA ALA B 247 11.46 6.10 -14.38
C ALA B 247 12.56 6.26 -15.41
N ILE B 248 13.06 7.50 -15.54
CA ILE B 248 14.09 7.83 -16.50
C ILE B 248 14.85 9.05 -15.98
N CYS B 249 16.16 9.07 -16.24
CA CYS B 249 16.99 10.20 -15.87
C CYS B 249 18.14 10.32 -16.85
N PHE B 250 18.74 11.51 -16.87
CA PHE B 250 19.86 11.82 -17.76
C PHE B 250 21.18 11.61 -17.04
N PHE B 251 22.17 11.11 -17.76
CA PHE B 251 23.53 11.07 -17.24
C PHE B 251 24.04 12.50 -17.10
N PRO B 252 24.84 12.80 -16.06
CA PRO B 252 25.18 14.20 -15.79
C PRO B 252 25.70 14.99 -16.98
N ASN B 253 26.40 14.37 -17.93
CA ASN B 253 26.90 15.10 -19.09
C ASN B 253 25.91 15.13 -20.25
N GLY B 254 24.76 14.48 -20.11
CA GLY B 254 23.72 14.56 -21.11
C GLY B 254 23.85 13.61 -22.29
N ASN B 255 24.83 12.71 -22.27
CA ASN B 255 25.06 11.79 -23.38
C ASN B 255 24.48 10.41 -23.14
N ALA B 256 23.68 10.21 -22.10
CA ALA B 256 23.13 8.90 -21.81
C ALA B 256 21.86 9.01 -20.97
N PHE B 257 21.06 7.95 -21.03
CA PHE B 257 19.91 7.76 -20.16
C PHE B 257 20.13 6.57 -19.24
N ALA B 258 19.41 6.57 -18.13
CA ALA B 258 19.18 5.37 -17.34
C ALA B 258 17.69 5.24 -17.10
N THR B 259 17.13 4.08 -17.42
CA THR B 259 15.70 3.84 -17.32
C THR B 259 15.41 2.58 -16.53
N GLY B 260 14.30 2.60 -15.81
CA GLY B 260 13.85 1.44 -15.06
C GLY B 260 12.45 1.05 -15.49
N SER B 261 12.14 -0.24 -15.39
CA SER B 261 10.90 -0.78 -15.91
C SER B 261 10.31 -1.77 -14.92
N ASP B 262 9.19 -2.37 -15.32
CA ASP B 262 8.53 -3.41 -14.54
C ASP B 262 9.19 -4.77 -14.71
N ASP B 263 10.31 -4.85 -15.42
CA ASP B 263 11.05 -6.08 -15.60
C ASP B 263 12.00 -6.37 -14.44
N ALA B 264 12.07 -5.47 -13.46
CA ALA B 264 13.04 -5.60 -12.38
C ALA B 264 14.46 -5.42 -12.90
N THR B 265 14.61 -4.60 -13.94
CA THR B 265 15.91 -4.29 -14.53
C THR B 265 16.00 -2.80 -14.80
N CYS B 266 17.24 -2.33 -14.90
CA CYS B 266 17.56 -0.97 -15.26
C CYS B 266 18.51 -1.00 -16.44
N ARG B 267 18.42 -0.03 -17.33
CA ARG B 267 19.26 -0.01 -18.52
C ARG B 267 19.82 1.37 -18.77
N LEU B 268 21.12 1.40 -19.09
CA LEU B 268 21.83 2.60 -19.49
C LEU B 268 21.96 2.61 -21.01
N PHE B 269 21.49 3.70 -21.63
CA PHE B 269 21.48 3.89 -23.08
C PHE B 269 22.39 5.05 -23.44
N ASP B 270 23.08 4.93 -24.59
CA ASP B 270 23.98 5.97 -25.08
C ASP B 270 23.33 6.65 -26.28
N LEU B 271 23.29 7.99 -26.25
CA LEU B 271 22.57 8.72 -27.30
C LEU B 271 23.30 8.72 -28.62
N ARG B 272 24.63 8.71 -28.61
CA ARG B 272 25.39 8.77 -29.85
C ARG B 272 25.51 7.43 -30.55
N ALA B 273 25.63 6.34 -29.80
CA ALA B 273 25.66 5.02 -30.40
C ALA B 273 24.27 4.51 -30.74
N ASP B 274 23.22 5.13 -30.20
CA ASP B 274 21.85 4.75 -30.50
C ASP B 274 21.58 3.30 -30.11
N GLN B 275 22.20 2.86 -29.02
CA GLN B 275 22.10 1.48 -28.56
C GLN B 275 22.04 1.44 -27.05
N GLU B 276 21.45 0.37 -26.52
CA GLU B 276 21.56 0.08 -25.10
C GLU B 276 23.02 -0.23 -24.78
N LEU B 277 23.52 0.38 -23.71
CA LEU B 277 24.93 0.24 -23.36
C LEU B 277 25.16 -0.71 -22.19
N MET B 278 24.25 -0.74 -21.21
CA MET B 278 24.45 -1.63 -20.06
C MET B 278 23.13 -2.00 -19.42
N THR B 279 23.08 -3.20 -18.83
CA THR B 279 21.92 -3.67 -18.09
C THR B 279 22.31 -3.97 -16.65
N TYR B 280 21.55 -3.39 -15.70
CA TYR B 280 21.72 -3.63 -14.28
C TYR B 280 20.54 -4.46 -13.80
N SER B 281 20.83 -5.70 -13.36
CA SER B 281 19.79 -6.60 -12.91
C SER B 281 20.41 -7.61 -11.94
N HIS B 282 19.54 -8.31 -11.22
CA HIS B 282 19.97 -9.30 -10.24
C HIS B 282 18.96 -10.43 -10.20
N ASP B 283 19.47 -11.65 -9.97
CA ASP B 283 18.61 -12.83 -10.01
C ASP B 283 17.53 -12.79 -8.94
N ASN B 284 17.80 -12.16 -7.80
CA ASN B 284 16.89 -12.15 -6.66
C ASN B 284 15.94 -10.97 -6.68
N ILE B 285 15.96 -10.16 -7.73
CA ILE B 285 15.06 -9.02 -7.88
C ILE B 285 14.06 -9.36 -8.97
N ILE B 286 12.79 -9.46 -8.60
CA ILE B 286 11.72 -9.74 -9.55
C ILE B 286 10.63 -8.67 -9.44
N CYS B 287 10.88 -7.63 -8.67
CA CYS B 287 9.96 -6.52 -8.50
C CYS B 287 10.37 -5.35 -9.37
N GLY B 288 9.42 -4.45 -9.62
CA GLY B 288 9.63 -3.35 -10.54
C GLY B 288 10.38 -2.19 -9.90
N ILE B 289 10.76 -1.26 -10.76
CA ILE B 289 11.55 -0.09 -10.36
C ILE B 289 10.65 1.14 -10.43
N THR B 290 10.65 1.92 -9.36
CA THR B 290 9.79 3.09 -9.25
C THR B 290 10.50 4.40 -9.52
N SER B 291 11.81 4.48 -9.31
CA SER B 291 12.52 5.74 -9.49
C SER B 291 13.99 5.45 -9.77
N VAL B 292 14.62 6.32 -10.55
CA VAL B 292 16.02 6.20 -10.93
C VAL B 292 16.65 7.58 -10.86
N SER B 293 17.89 7.65 -10.36
CA SER B 293 18.63 8.89 -10.33
C SER B 293 20.13 8.59 -10.35
N PHE B 294 20.90 9.60 -10.76
CA PHE B 294 22.35 9.52 -10.83
C PHE B 294 22.99 10.40 -9.76
N SER B 295 24.18 10.01 -9.32
CA SER B 295 24.98 10.85 -8.44
C SER B 295 25.67 11.94 -9.26
N LYS B 296 26.27 12.89 -8.54
CA LYS B 296 26.85 14.05 -9.21
C LYS B 296 27.89 13.63 -10.24
N SER B 297 28.76 12.69 -9.90
CA SER B 297 29.79 12.22 -10.82
C SER B 297 29.24 11.23 -11.84
N GLY B 298 28.05 10.67 -11.63
CA GLY B 298 27.50 9.68 -12.52
C GLY B 298 28.04 8.28 -12.32
N ARG B 299 28.87 8.06 -11.30
CA ARG B 299 29.43 6.73 -11.07
C ARG B 299 28.48 5.83 -10.29
N LEU B 300 27.59 6.40 -9.49
CA LEU B 300 26.63 5.64 -8.70
C LEU B 300 25.24 5.85 -9.27
N LEU B 301 24.53 4.76 -9.50
CA LEU B 301 23.15 4.79 -9.98
C LEU B 301 22.24 4.30 -8.87
N LEU B 302 21.27 5.11 -8.49
CA LEU B 302 20.35 4.78 -7.40
C LEU B 302 18.99 4.43 -7.97
N ALA B 303 18.42 3.31 -7.51
CA ALA B 303 17.14 2.84 -8.03
C ALA B 303 16.26 2.37 -6.89
N GLY B 304 15.04 2.90 -6.83
CA GLY B 304 14.08 2.50 -5.82
C GLY B 304 13.20 1.37 -6.32
N TYR B 305 12.91 0.41 -5.45
CA TYR B 305 12.22 -0.80 -5.83
C TYR B 305 10.96 -0.97 -5.00
N ASP B 306 10.06 -1.82 -5.51
CA ASP B 306 8.83 -2.14 -4.81
C ASP B 306 9.06 -3.00 -3.57
N ASP B 307 10.26 -3.57 -3.41
CA ASP B 307 10.59 -4.39 -2.23
C ASP B 307 10.77 -3.47 -1.01
N PHE B 308 10.35 -2.20 -1.14
CA PHE B 308 10.46 -1.20 -0.03
C PHE B 308 11.91 -0.79 0.16
N ASN B 309 12.79 -1.08 -0.80
CA ASN B 309 14.23 -0.79 -0.62
C ASN B 309 14.80 -0.08 -1.85
N CYS B 310 15.92 0.62 -1.68
CA CYS B 310 16.59 1.31 -2.82
C CYS B 310 18.02 0.78 -2.94
N ASN B 311 18.39 0.23 -4.10
CA ASN B 311 19.72 -0.32 -4.27
C ASN B 311 20.63 0.70 -4.93
N VAL B 312 21.90 0.69 -4.60
CA VAL B 312 22.83 1.61 -5.21
C VAL B 312 23.63 0.76 -6.16
N TRP B 313 23.84 1.23 -7.39
CA TRP B 313 24.56 0.41 -8.40
C TRP B 313 25.85 1.10 -8.82
N ASP B 314 26.77 0.37 -9.44
CA ASP B 314 27.98 1.02 -10.01
C ASP B 314 27.72 1.14 -11.50
N ALA B 315 27.56 2.37 -11.99
CA ALA B 315 27.20 2.57 -13.41
C ALA B 315 28.18 1.85 -14.34
N LEU B 316 29.48 2.08 -14.15
CA LEU B 316 30.52 1.46 -15.02
C LEU B 316 30.60 -0.06 -14.89
N LYS B 317 30.57 -0.61 -13.67
CA LYS B 317 30.80 -2.07 -13.50
C LYS B 317 29.53 -2.90 -13.28
N ALA B 318 28.35 -2.27 -13.22
CA ALA B 318 27.07 -2.99 -13.05
C ALA B 318 27.11 -3.98 -11.88
N ASP B 319 27.68 -3.60 -10.74
CA ASP B 319 27.66 -4.47 -9.56
C ASP B 319 26.92 -3.77 -8.43
N ARG B 320 26.08 -4.47 -7.67
CA ARG B 320 25.35 -3.81 -6.59
C ARG B 320 26.36 -3.26 -5.59
N ALA B 321 26.21 -2.00 -5.18
CA ALA B 321 27.16 -1.41 -4.25
C ALA B 321 26.66 -1.32 -2.81
N GLY B 322 25.43 -0.87 -2.63
CA GLY B 322 24.86 -0.71 -1.31
C GLY B 322 23.35 -0.71 -1.36
N VAL B 323 22.71 -0.89 -0.21
CA VAL B 323 21.26 -0.90 -0.15
C VAL B 323 20.72 0.11 0.87
N LEU B 324 19.70 0.87 0.52
CA LEU B 324 19.11 1.81 1.46
C LEU B 324 17.88 1.13 2.02
N ALA B 325 17.81 0.90 3.33
CA ALA B 325 16.67 0.20 3.92
C ALA B 325 16.07 1.02 5.06
N GLY B 326 14.77 0.89 5.26
CA GLY B 326 14.13 1.69 6.29
C GLY B 326 12.69 2.04 5.99
N HIS B 327 12.35 2.23 4.72
CA HIS B 327 10.93 2.48 4.35
C HIS B 327 10.15 1.17 4.51
N ASP B 328 8.92 1.24 5.00
CA ASP B 328 8.13 0.00 5.27
C ASP B 328 7.04 -0.15 4.19
N ASN B 329 7.11 0.67 3.14
CA ASN B 329 6.12 0.60 2.03
C ASN B 329 6.83 0.91 0.72
N ARG B 330 6.14 0.78 -0.42
CA ARG B 330 6.79 0.95 -1.75
C ARG B 330 7.50 2.32 -1.81
N VAL B 331 8.73 2.34 -2.32
CA VAL B 331 9.51 3.61 -2.38
C VAL B 331 9.10 4.35 -3.65
N SER B 332 8.22 5.34 -3.52
CA SER B 332 7.67 6.03 -4.72
C SER B 332 8.68 6.94 -5.41
N CYS B 333 9.41 7.77 -4.67
CA CYS B 333 10.30 8.76 -5.33
C CYS B 333 11.74 8.75 -4.79
N LEU B 334 12.69 9.18 -5.63
CA LEU B 334 14.13 9.27 -5.23
C LEU B 334 14.68 10.57 -5.82
N GLY B 335 15.60 11.24 -5.14
CA GLY B 335 16.13 12.53 -5.63
C GLY B 335 17.52 12.83 -5.08
N VAL B 336 18.39 13.43 -5.91
CA VAL B 336 19.77 13.77 -5.47
C VAL B 336 19.95 15.29 -5.65
N THR B 337 20.59 15.97 -4.70
CA THR B 337 20.75 17.42 -4.74
C THR B 337 21.71 17.82 -5.84
N ASP B 338 21.57 19.04 -6.34
CA ASP B 338 22.45 19.52 -7.39
C ASP B 338 23.90 19.54 -6.91
N ASP B 339 24.13 19.85 -5.63
CA ASP B 339 25.51 19.79 -5.07
C ASP B 339 25.95 18.34 -4.86
N GLY B 340 25.01 17.39 -4.87
CA GLY B 340 25.35 15.96 -4.72
C GLY B 340 25.53 15.54 -3.27
N MET B 341 25.29 16.45 -2.33
CA MET B 341 25.53 16.16 -0.89
C MET B 341 24.60 15.06 -0.36
N ALA B 342 23.30 15.09 -0.71
CA ALA B 342 22.36 14.13 -0.07
C ALA B 342 21.38 13.49 -1.07
N VAL B 343 20.79 12.35 -0.68
CA VAL B 343 19.77 11.66 -1.52
C VAL B 343 18.46 11.69 -0.73
N ALA B 344 17.36 12.14 -1.34
CA ALA B 344 16.10 12.10 -0.62
C ALA B 344 15.25 11.00 -1.19
N THR B 345 14.52 10.30 -0.34
CA THR B 345 13.66 9.20 -0.76
C THR B 345 12.29 9.38 -0.13
N GLY B 346 11.26 9.10 -0.92
CA GLY B 346 9.90 9.13 -0.43
C GLY B 346 9.30 7.75 -0.54
N SER B 347 8.20 7.50 0.15
CA SER B 347 7.59 6.17 0.15
C SER B 347 6.09 6.30 0.35
N TRP B 348 5.41 5.18 0.34
CA TRP B 348 3.97 5.12 0.57
C TRP B 348 3.63 5.05 2.05
N ASP B 349 4.63 5.10 2.93
CA ASP B 349 4.42 5.10 4.38
C ASP B 349 4.33 6.51 4.94
N SER B 350 4.31 7.54 4.09
CA SER B 350 4.07 8.93 4.49
C SER B 350 5.29 9.60 5.10
N PHE B 351 6.48 9.04 4.89
CA PHE B 351 7.71 9.62 5.43
C PHE B 351 8.69 9.90 4.30
N LEU B 352 9.46 10.97 4.47
CA LEU B 352 10.62 11.22 3.61
C LEU B 352 11.88 10.94 4.42
N LYS B 353 12.92 10.49 3.75
CA LYS B 353 14.19 10.24 4.40
C LYS B 353 15.29 10.91 3.61
N ILE B 354 16.18 11.59 4.32
CA ILE B 354 17.35 12.24 3.73
C ILE B 354 18.57 11.47 4.21
N TRP B 355 19.26 10.84 3.26
CA TRP B 355 20.43 10.02 3.52
C TRP B 355 21.69 10.80 3.20
N ASN B 356 22.73 10.55 3.99
CA ASN B 356 24.03 11.18 3.83
C ASN B 356 24.53 11.17 2.39
N THR C 6 -9.25 3.87 -43.68
CA THR C 6 -7.85 3.91 -44.11
C THR C 6 -6.97 4.52 -43.02
N ALA C 7 -7.45 4.47 -41.78
CA ALA C 7 -6.69 5.04 -40.67
C ALA C 7 -5.36 4.34 -40.47
N SER C 8 -5.33 3.02 -40.62
CA SER C 8 -4.08 2.30 -40.47
C SER C 8 -3.08 2.68 -41.55
N ILE C 9 -3.56 3.01 -42.75
CA ILE C 9 -2.66 3.50 -43.79
C ILE C 9 -2.13 4.87 -43.42
N ALA C 10 -2.99 5.74 -42.88
CA ALA C 10 -2.55 7.07 -42.47
C ALA C 10 -1.48 6.98 -41.39
N GLN C 11 -1.63 6.05 -40.45
CA GLN C 11 -0.65 5.92 -39.38
C GLN C 11 0.64 5.26 -39.87
N ALA C 12 0.53 4.28 -40.77
CA ALA C 12 1.73 3.67 -41.35
C ALA C 12 2.51 4.68 -42.18
N ARG C 13 1.82 5.62 -42.83
CA ARG C 13 2.51 6.66 -43.59
C ARG C 13 3.36 7.55 -42.70
N LYS C 14 3.01 7.69 -41.42
CA LYS C 14 3.83 8.41 -40.47
C LYS C 14 4.90 7.52 -39.85
N LEU C 15 4.57 6.24 -39.62
CA LEU C 15 5.56 5.31 -39.08
C LEU C 15 6.74 5.15 -40.04
N VAL C 16 6.46 5.01 -41.34
CA VAL C 16 7.55 4.85 -42.30
C VAL C 16 8.40 6.10 -42.35
N GLU C 17 7.77 7.28 -42.27
CA GLU C 17 8.54 8.52 -42.29
C GLU C 17 9.41 8.64 -41.05
N GLN C 18 8.88 8.27 -39.89
CA GLN C 18 9.68 8.34 -38.66
C GLN C 18 10.85 7.37 -38.72
N LEU C 19 10.62 6.16 -39.23
CA LEU C 19 11.71 5.20 -39.34
C LEU C 19 12.77 5.67 -40.35
N LYS C 20 12.34 6.25 -41.46
CA LYS C 20 13.29 6.80 -42.42
C LYS C 20 14.11 7.92 -41.79
N MET C 21 13.46 8.81 -41.05
CA MET C 21 14.18 9.91 -40.42
C MET C 21 15.19 9.39 -39.40
N GLU C 22 14.80 8.39 -38.61
CA GLU C 22 15.70 7.86 -37.59
C GLU C 22 16.81 7.02 -38.18
N ALA C 23 16.63 6.47 -39.39
CA ALA C 23 17.69 5.69 -40.01
C ALA C 23 18.92 6.54 -40.28
N ASN C 24 18.74 7.83 -40.54
CA ASN C 24 19.84 8.72 -40.91
C ASN C 24 20.45 9.37 -39.66
N ILE C 25 21.10 8.54 -38.84
CA ILE C 25 21.80 8.99 -37.65
C ILE C 25 23.27 8.62 -37.78
N ASP C 26 24.15 9.59 -37.50
CA ASP C 26 25.59 9.37 -37.54
C ASP C 26 26.00 8.69 -36.24
N ARG C 27 25.71 7.39 -36.16
CA ARG C 27 26.01 6.62 -34.97
C ARG C 27 27.51 6.43 -34.82
N ILE C 28 27.98 6.38 -33.58
CA ILE C 28 29.39 6.16 -33.27
C ILE C 28 29.54 4.76 -32.68
N LYS C 29 30.80 4.34 -32.53
CA LYS C 29 31.07 3.04 -31.94
C LYS C 29 30.84 3.06 -30.44
N VAL C 30 30.28 1.98 -29.92
CA VAL C 30 29.92 1.93 -28.50
C VAL C 30 31.17 2.04 -27.63
N SER C 31 32.33 1.62 -28.13
CA SER C 31 33.54 1.73 -27.34
C SER C 31 33.89 3.19 -27.07
N LYS C 32 33.65 4.07 -28.04
CA LYS C 32 33.95 5.48 -27.84
C LYS C 32 33.02 6.11 -26.82
N ALA C 33 31.72 5.79 -26.89
CA ALA C 33 30.79 6.30 -25.90
C ALA C 33 31.11 5.78 -24.50
N ALA C 34 31.46 4.49 -24.41
CA ALA C 34 31.84 3.93 -23.12
C ALA C 34 33.08 4.62 -22.56
N ALA C 35 34.07 4.87 -23.41
CA ALA C 35 35.26 5.58 -22.97
C ALA C 35 34.94 6.99 -22.52
N ASP C 36 34.03 7.66 -23.22
CA ASP C 36 33.66 9.02 -22.83
C ASP C 36 32.95 9.02 -21.47
N LEU C 37 32.03 8.08 -21.25
CA LEU C 37 31.33 8.04 -19.98
C LEU C 37 32.28 7.69 -18.84
N MET C 38 33.19 6.74 -19.07
CA MET C 38 34.16 6.40 -18.04
C MET C 38 35.09 7.57 -17.75
N ALA C 39 35.52 8.29 -18.78
CA ALA C 39 36.38 9.45 -18.57
C ALA C 39 35.66 10.52 -17.76
N TYR C 40 34.38 10.77 -18.07
CA TYR C 40 33.62 11.73 -17.28
C TYR C 40 33.53 11.29 -15.83
N CYS C 41 33.21 10.01 -15.61
CA CYS C 41 33.07 9.52 -14.24
C CYS C 41 34.38 9.65 -13.48
N GLU C 42 35.51 9.32 -14.12
CA GLU C 42 36.79 9.40 -13.44
C GLU C 42 37.20 10.84 -13.17
N ALA C 43 36.94 11.75 -14.12
CA ALA C 43 37.38 13.12 -13.95
C ALA C 43 36.69 13.79 -12.76
N HIS C 44 35.41 13.53 -12.56
CA HIS C 44 34.61 14.17 -11.53
C HIS C 44 34.43 13.30 -10.29
N ALA C 45 35.22 12.24 -10.15
CA ALA C 45 35.05 11.33 -9.02
C ALA C 45 35.28 12.04 -7.70
N LYS C 46 36.28 12.94 -7.65
CA LYS C 46 36.61 13.62 -6.41
C LYS C 46 35.53 14.59 -5.97
N GLU C 47 34.61 14.95 -6.85
CA GLU C 47 33.59 15.96 -6.56
C GLU C 47 32.26 15.36 -6.12
N ASP C 48 32.19 14.05 -5.90
CA ASP C 48 30.94 13.37 -5.54
C ASP C 48 30.94 13.02 -4.06
N PRO C 49 30.20 13.74 -3.22
CA PRO C 49 30.14 13.37 -1.79
C PRO C 49 29.56 11.99 -1.54
N LEU C 50 28.73 11.46 -2.42
CA LEU C 50 28.15 10.14 -2.22
C LEU C 50 29.11 9.02 -2.57
N LEU C 51 30.22 9.34 -3.23
CA LEU C 51 31.28 8.38 -3.51
C LEU C 51 32.48 8.57 -2.60
N THR C 52 32.83 9.81 -2.30
CA THR C 52 33.90 10.13 -1.35
C THR C 52 33.29 10.72 -0.09
N PRO C 53 33.36 10.03 1.06
CA PRO C 53 32.71 10.57 2.26
C PRO C 53 33.24 11.94 2.64
N VAL C 54 32.36 12.75 3.21
CA VAL C 54 32.65 14.13 3.57
C VAL C 54 32.72 14.22 5.10
N PRO C 55 33.74 14.89 5.67
CA PRO C 55 33.79 15.01 7.13
C PRO C 55 32.60 15.81 7.67
N ALA C 56 32.25 15.51 8.92
CA ALA C 56 31.08 16.15 9.54
C ALA C 56 31.19 17.67 9.54
N SER C 57 32.40 18.21 9.64
CA SER C 57 32.56 19.66 9.65
C SER C 57 32.17 20.29 8.33
N GLU C 58 32.14 19.51 7.25
CA GLU C 58 31.70 19.98 5.95
C GLU C 58 30.33 19.45 5.54
N ASN C 59 29.88 18.35 6.13
CA ASN C 59 28.59 17.76 5.83
C ASN C 59 27.48 18.56 6.52
N PRO C 60 26.56 19.17 5.78
CA PRO C 60 25.47 19.91 6.44
C PRO C 60 24.46 19.03 7.15
N PHE C 61 24.40 17.74 6.84
CA PHE C 61 23.44 16.84 7.46
C PHE C 61 24.05 15.99 8.57
N ARG C 62 25.29 16.26 8.95
CA ARG C 62 25.99 15.55 10.03
C ARG C 62 25.04 15.02 11.11
N GLN D 1 13.36 -5.74 -28.18
CA GLN D 1 12.05 -5.22 -28.53
C GLN D 1 11.00 -6.33 -28.51
N VAL D 2 9.91 -6.09 -27.79
CA VAL D 2 8.84 -7.09 -27.67
C VAL D 2 8.07 -7.15 -28.97
N GLN D 3 8.03 -8.33 -29.59
CA GLN D 3 7.30 -8.52 -30.83
C GLN D 3 6.72 -9.93 -30.89
N LEU D 4 5.43 -10.00 -31.22
CA LEU D 4 4.69 -11.25 -31.34
C LEU D 4 4.21 -11.41 -32.77
N GLN D 5 4.31 -12.64 -33.29
CA GLN D 5 3.92 -12.92 -34.67
C GLN D 5 2.97 -14.10 -34.70
N GLU D 6 1.82 -13.90 -35.33
CA GLU D 6 0.82 -14.96 -35.47
C GLU D 6 1.00 -15.73 -36.77
N SER D 7 0.49 -16.95 -36.79
CA SER D 7 0.59 -17.81 -37.95
C SER D 7 -0.62 -18.74 -37.99
N GLY D 8 -1.12 -19.00 -39.19
CA GLY D 8 -2.28 -19.83 -39.39
C GLY D 8 -3.49 -19.01 -39.83
N GLY D 9 -4.54 -19.73 -40.20
CA GLY D 9 -5.78 -19.11 -40.63
C GLY D 9 -6.29 -19.63 -41.95
N GLY D 10 -6.88 -18.75 -42.77
CA GLY D 10 -7.41 -19.15 -44.05
C GLY D 10 -8.88 -19.48 -43.99
N LEU D 11 -9.42 -19.82 -45.17
CA LEU D 11 -10.82 -20.19 -45.28
C LEU D 11 -11.01 -21.63 -44.82
N VAL D 12 -11.88 -21.82 -43.83
CA VAL D 12 -12.15 -23.14 -43.26
C VAL D 12 -13.66 -23.40 -43.31
N GLN D 13 -14.01 -24.67 -43.19
CA GLN D 13 -15.37 -25.20 -43.17
C GLN D 13 -15.86 -25.35 -41.74
N PRO D 14 -17.17 -25.24 -41.49
CA PRO D 14 -17.69 -25.46 -40.14
C PRO D 14 -17.60 -26.94 -39.75
N GLY D 15 -17.03 -27.18 -38.57
CA GLY D 15 -16.78 -28.52 -38.10
C GLY D 15 -15.36 -29.00 -38.26
N GLY D 16 -14.46 -28.16 -38.76
CA GLY D 16 -13.07 -28.53 -38.96
C GLY D 16 -12.17 -28.03 -37.84
N SER D 17 -10.88 -28.31 -38.02
CA SER D 17 -9.86 -27.93 -37.05
C SER D 17 -8.84 -26.99 -37.69
N LEU D 18 -8.17 -26.22 -36.84
CA LEU D 18 -7.17 -25.25 -37.28
C LEU D 18 -6.21 -24.98 -36.13
N ARG D 19 -4.92 -24.94 -36.43
CA ARG D 19 -3.90 -24.75 -35.40
C ARG D 19 -3.25 -23.38 -35.61
N LEU D 20 -3.52 -22.45 -34.69
CA LEU D 20 -2.90 -21.14 -34.72
C LEU D 20 -1.65 -21.13 -33.86
N SER D 21 -0.60 -20.48 -34.37
CA SER D 21 0.67 -20.41 -33.67
C SER D 21 1.03 -18.97 -33.39
N CYS D 22 1.79 -18.76 -32.31
CA CYS D 22 2.26 -17.44 -31.91
C CYS D 22 3.71 -17.56 -31.49
N ALA D 23 4.58 -16.82 -32.19
CA ALA D 23 6.01 -16.81 -31.93
C ALA D 23 6.40 -15.51 -31.27
N ALA D 24 7.26 -15.59 -30.26
CA ALA D 24 7.66 -14.45 -29.45
C ALA D 24 9.11 -14.09 -29.73
N SER D 25 9.43 -12.80 -29.58
CA SER D 25 10.82 -12.36 -29.67
C SER D 25 10.99 -11.09 -28.85
N GLY D 26 12.03 -11.06 -28.02
CA GLY D 26 12.41 -9.87 -27.29
C GLY D 26 12.18 -9.92 -25.79
N PHE D 27 11.73 -11.05 -25.24
CA PHE D 27 11.49 -11.17 -23.81
C PHE D 27 11.61 -12.63 -23.40
N THR D 28 11.56 -12.84 -22.08
CA THR D 28 11.53 -14.20 -21.54
C THR D 28 10.09 -14.70 -21.54
N PHE D 29 9.86 -15.83 -22.22
CA PHE D 29 8.50 -16.28 -22.48
C PHE D 29 7.86 -16.92 -21.25
N SER D 30 8.64 -17.60 -20.41
CA SER D 30 8.10 -18.41 -19.32
C SER D 30 7.80 -17.62 -18.06
N ASN D 31 7.68 -16.31 -18.15
CA ASN D 31 7.37 -15.49 -16.99
C ASN D 31 6.04 -14.74 -17.11
N TYR D 32 5.40 -14.75 -18.27
CA TYR D 32 4.20 -13.96 -18.51
C TYR D 32 3.02 -14.88 -18.79
N LYS D 33 1.85 -14.53 -18.23
CA LYS D 33 0.63 -15.23 -18.57
C LYS D 33 0.18 -14.82 -19.96
N MET D 34 -0.19 -15.80 -20.78
CA MET D 34 -0.47 -15.58 -22.20
C MET D 34 -1.97 -15.65 -22.47
N ASN D 35 -2.41 -14.85 -23.45
CA ASN D 35 -3.83 -14.67 -23.75
C ASN D 35 -4.08 -14.88 -25.24
N TRP D 36 -5.26 -15.41 -25.56
CA TRP D 36 -5.81 -15.36 -26.90
C TRP D 36 -7.11 -14.55 -26.88
N VAL D 37 -7.18 -13.53 -27.74
CA VAL D 37 -8.27 -12.56 -27.77
C VAL D 37 -8.69 -12.36 -29.22
N ARG D 38 -9.99 -12.51 -29.50
CA ARG D 38 -10.49 -12.32 -30.85
C ARG D 38 -11.24 -11.00 -30.98
N GLN D 39 -11.41 -10.57 -32.24
CA GLN D 39 -12.17 -9.38 -32.57
C GLN D 39 -13.00 -9.67 -33.82
N ALA D 40 -14.32 -9.62 -33.68
CA ALA D 40 -15.18 -9.88 -34.81
C ALA D 40 -15.39 -8.60 -35.63
N PRO D 41 -15.55 -8.72 -36.96
CA PRO D 41 -15.88 -7.54 -37.77
C PRO D 41 -17.28 -7.04 -37.46
N GLY D 42 -17.37 -5.78 -37.06
CA GLY D 42 -18.62 -5.19 -36.61
C GLY D 42 -18.79 -5.14 -35.11
N LYS D 43 -17.88 -5.76 -34.36
CA LYS D 43 -17.93 -5.77 -32.91
C LYS D 43 -16.56 -5.38 -32.36
N GLY D 44 -16.50 -5.21 -31.04
CA GLY D 44 -15.26 -4.90 -30.35
C GLY D 44 -14.45 -6.14 -30.04
N LEU D 45 -13.36 -5.92 -29.31
CA LEU D 45 -12.49 -7.01 -28.90
C LEU D 45 -13.13 -7.80 -27.76
N GLU D 46 -12.97 -9.12 -27.80
CA GLU D 46 -13.49 -9.97 -26.75
C GLU D 46 -12.47 -11.06 -26.41
N TRP D 47 -12.33 -11.33 -25.12
CA TRP D 47 -11.34 -12.28 -24.61
C TRP D 47 -11.80 -13.72 -24.83
N VAL D 48 -10.90 -14.55 -25.35
CA VAL D 48 -11.23 -15.95 -25.60
C VAL D 48 -10.68 -16.83 -24.49
N SER D 49 -9.36 -16.88 -24.32
CA SER D 49 -8.79 -17.83 -23.37
C SER D 49 -7.44 -17.35 -22.86
N ASP D 50 -6.94 -18.05 -21.83
CA ASP D 50 -5.61 -17.76 -21.32
C ASP D 50 -4.97 -18.99 -20.69
N ILE D 51 -3.64 -18.99 -20.71
CA ILE D 51 -2.82 -20.02 -20.06
C ILE D 51 -1.76 -19.32 -19.21
N SER D 52 -1.44 -19.90 -18.06
CA SER D 52 -0.61 -19.25 -17.06
C SER D 52 0.87 -19.35 -17.42
N GLN D 53 1.74 -19.03 -16.46
CA GLN D 53 3.19 -19.01 -16.70
C GLN D 53 3.74 -20.42 -16.86
N SER D 54 3.50 -21.28 -15.88
CA SER D 54 3.98 -22.66 -15.94
C SER D 54 3.08 -23.58 -16.74
N GLY D 55 1.93 -23.09 -17.19
CA GLY D 55 1.00 -23.89 -17.95
C GLY D 55 -0.02 -24.66 -17.13
N ALA D 56 -0.10 -24.40 -15.82
CA ALA D 56 -1.02 -25.13 -14.97
C ALA D 56 -2.44 -24.59 -15.10
N SER D 57 -2.63 -23.31 -14.80
CA SER D 57 -3.96 -22.71 -14.82
C SER D 57 -4.34 -22.36 -16.25
N ILE D 58 -5.38 -23.01 -16.75
CA ILE D 58 -5.91 -22.79 -18.10
C ILE D 58 -7.37 -22.39 -17.96
N SER D 59 -7.74 -21.25 -18.53
CA SER D 59 -9.13 -20.81 -18.44
C SER D 59 -9.63 -20.38 -19.81
N TYR D 60 -10.94 -20.53 -20.01
CA TYR D 60 -11.60 -20.28 -21.28
C TYR D 60 -12.80 -19.37 -21.05
N THR D 61 -13.37 -18.91 -22.16
CA THR D 61 -14.70 -18.32 -22.15
C THR D 61 -15.72 -19.45 -22.25
N GLY D 62 -16.94 -19.20 -21.73
CA GLY D 62 -17.97 -20.21 -21.79
C GLY D 62 -18.46 -20.52 -23.20
N SER D 63 -18.40 -19.53 -24.10
CA SER D 63 -18.81 -19.77 -25.47
C SER D 63 -17.78 -20.58 -26.26
N VAL D 64 -16.54 -20.66 -25.77
CA VAL D 64 -15.49 -21.40 -26.44
C VAL D 64 -15.03 -22.61 -25.65
N LYS D 65 -15.66 -22.91 -24.52
CA LYS D 65 -15.26 -24.03 -23.68
C LYS D 65 -15.69 -25.35 -24.29
N GLY D 66 -14.76 -26.32 -24.31
CA GLY D 66 -15.01 -27.61 -24.91
C GLY D 66 -14.72 -27.72 -26.39
N ARG D 67 -14.29 -26.63 -27.04
CA ARG D 67 -13.99 -26.66 -28.46
C ARG D 67 -12.65 -26.01 -28.81
N PHE D 68 -11.96 -25.42 -27.85
CA PHE D 68 -10.67 -24.80 -28.06
C PHE D 68 -9.66 -25.36 -27.07
N THR D 69 -8.39 -25.37 -27.47
CA THR D 69 -7.34 -25.87 -26.59
C THR D 69 -6.13 -24.97 -26.69
N ILE D 70 -5.79 -24.29 -25.60
CA ILE D 70 -4.66 -23.37 -25.55
C ILE D 70 -3.50 -24.06 -24.84
N SER D 71 -2.34 -24.06 -25.49
CA SER D 71 -1.13 -24.65 -24.91
C SER D 71 0.05 -23.75 -25.20
N ARG D 72 1.16 -24.00 -24.49
CA ARG D 72 2.37 -23.21 -24.67
C ARG D 72 3.59 -24.10 -24.50
N ASP D 73 4.66 -23.73 -25.19
CA ASP D 73 5.94 -24.44 -25.11
C ASP D 73 6.99 -23.39 -24.76
N ASN D 74 7.43 -23.40 -23.50
CA ASN D 74 8.40 -22.42 -23.04
C ASN D 74 9.80 -22.71 -23.55
N ALA D 75 10.10 -23.99 -23.82
CA ALA D 75 11.42 -24.34 -24.34
C ALA D 75 11.57 -23.94 -25.80
N LYS D 76 10.55 -24.21 -26.61
CA LYS D 76 10.56 -23.81 -28.02
C LYS D 76 10.03 -22.40 -28.24
N ASN D 77 9.57 -21.73 -27.17
CA ASN D 77 9.17 -20.31 -27.16
C ASN D 77 8.02 -20.07 -28.14
N THR D 78 6.88 -20.72 -27.88
CA THR D 78 5.75 -20.62 -28.77
C THR D 78 4.44 -20.86 -28.02
N LEU D 79 3.35 -20.40 -28.64
CA LEU D 79 2.00 -20.48 -28.06
C LEU D 79 1.06 -21.06 -29.11
N TYR D 80 0.41 -22.17 -28.80
CA TYR D 80 -0.45 -22.86 -29.75
C TYR D 80 -1.92 -22.79 -29.32
N LEU D 81 -2.80 -22.78 -30.32
CA LEU D 81 -4.24 -22.83 -30.11
C LEU D 81 -4.85 -23.81 -31.11
N GLN D 82 -5.47 -24.86 -30.60
CA GLN D 82 -6.14 -25.88 -31.41
C GLN D 82 -7.63 -25.57 -31.47
N MET D 83 -8.17 -25.54 -32.68
CA MET D 83 -9.55 -25.11 -32.96
C MET D 83 -10.27 -26.25 -33.67
N ASN D 84 -10.85 -27.16 -32.90
CA ASN D 84 -11.67 -28.23 -33.49
C ASN D 84 -13.14 -27.98 -33.24
N SER D 85 -13.97 -28.54 -34.13
CA SER D 85 -15.44 -28.38 -34.14
C SER D 85 -15.84 -26.90 -34.18
N LEU D 86 -15.48 -26.25 -35.28
CA LEU D 86 -15.67 -24.81 -35.39
C LEU D 86 -17.14 -24.46 -35.62
N LYS D 87 -17.40 -23.15 -35.66
CA LYS D 87 -18.73 -22.57 -35.76
C LYS D 87 -18.64 -21.40 -36.73
N PRO D 88 -19.68 -21.15 -37.53
CA PRO D 88 -19.66 -19.98 -38.44
C PRO D 88 -19.69 -18.63 -37.74
N GLU D 89 -19.95 -18.58 -36.43
CA GLU D 89 -19.92 -17.34 -35.68
C GLU D 89 -18.50 -16.99 -35.21
N ASP D 90 -17.53 -17.86 -35.49
CA ASP D 90 -16.16 -17.69 -35.00
C ASP D 90 -15.25 -17.03 -36.03
N THR D 91 -15.81 -16.38 -37.04
CA THR D 91 -15.00 -15.67 -38.02
C THR D 91 -14.54 -14.33 -37.43
N ALA D 92 -13.25 -14.23 -37.13
CA ALA D 92 -12.73 -13.09 -36.41
C ALA D 92 -11.23 -12.96 -36.67
N VAL D 93 -10.67 -11.84 -36.20
CA VAL D 93 -9.24 -11.63 -36.19
C VAL D 93 -8.73 -12.03 -34.81
N TYR D 94 -7.80 -12.98 -34.76
CA TYR D 94 -7.28 -13.50 -33.52
C TYR D 94 -5.93 -12.89 -33.20
N TYR D 95 -5.71 -12.61 -31.91
CA TYR D 95 -4.49 -12.01 -31.41
C TYR D 95 -3.98 -12.85 -30.25
N CYS D 96 -2.65 -12.99 -30.17
CA CYS D 96 -1.98 -13.53 -29.01
C CYS D 96 -1.39 -12.36 -28.22
N ALA D 97 -1.84 -12.22 -26.97
CA ALA D 97 -1.50 -11.07 -26.15
C ALA D 97 -0.67 -11.49 -24.95
N ARG D 98 0.15 -10.55 -24.48
CA ARG D 98 1.03 -10.74 -23.33
C ARG D 98 0.61 -9.78 -22.23
N CYS D 99 0.50 -10.30 -21.01
CA CYS D 99 0.24 -9.46 -19.86
C CYS D 99 1.48 -8.63 -19.53
N PRO D 100 1.31 -7.37 -19.10
CA PRO D 100 2.48 -6.47 -19.00
C PRO D 100 3.40 -6.79 -17.83
N ALA D 101 2.88 -7.25 -16.70
CA ALA D 101 3.83 -7.44 -15.60
C ALA D 101 4.24 -8.91 -15.48
N PRO D 102 5.51 -9.18 -15.22
CA PRO D 102 5.93 -10.55 -14.95
C PRO D 102 5.62 -10.95 -13.52
N PHE D 103 5.45 -12.27 -13.33
CA PHE D 103 5.21 -12.92 -12.04
C PHE D 103 3.97 -12.37 -11.33
N THR D 104 2.85 -12.37 -12.03
CA THR D 104 1.61 -11.86 -11.46
C THR D 104 0.44 -12.67 -12.01
N ARG D 105 -0.73 -12.47 -11.39
CA ARG D 105 -1.94 -13.18 -11.75
C ARG D 105 -2.99 -12.27 -12.39
N ASP D 106 -2.77 -10.95 -12.34
CA ASP D 106 -3.74 -9.99 -12.86
C ASP D 106 -3.29 -9.45 -14.23
N CYS D 107 -4.27 -9.27 -15.11
CA CYS D 107 -4.02 -8.72 -16.44
C CYS D 107 -5.09 -7.69 -16.74
N PHE D 108 -4.70 -6.42 -16.83
CA PHE D 108 -5.65 -5.32 -16.94
C PHE D 108 -6.04 -4.99 -18.39
N ASP D 109 -5.06 -4.62 -19.20
CA ASP D 109 -5.31 -3.98 -20.50
C ASP D 109 -5.15 -4.94 -21.66
N VAL D 110 -5.54 -6.21 -21.48
CA VAL D 110 -5.44 -7.17 -22.58
C VAL D 110 -6.51 -6.90 -23.62
N THR D 111 -7.76 -6.78 -23.20
CA THR D 111 -8.86 -6.51 -24.11
C THR D 111 -9.13 -5.01 -24.12
N SER D 112 -8.23 -4.29 -24.80
CA SER D 112 -8.33 -2.84 -24.94
C SER D 112 -8.13 -2.47 -26.40
N THR D 113 -8.34 -1.19 -26.70
CA THR D 113 -8.27 -0.72 -28.08
C THR D 113 -6.83 -0.54 -28.54
N THR D 114 -6.06 0.27 -27.82
CA THR D 114 -4.68 0.61 -28.19
C THR D 114 -3.73 -0.03 -27.17
N TYR D 115 -3.37 -1.29 -27.44
CA TYR D 115 -2.42 -2.03 -26.60
C TYR D 115 -1.25 -2.48 -27.46
N ALA D 116 -0.04 -2.34 -26.93
CA ALA D 116 1.17 -2.52 -27.72
C ALA D 116 1.91 -3.82 -27.45
N TYR D 117 1.36 -4.71 -26.61
CA TYR D 117 2.05 -5.95 -26.27
C TYR D 117 1.39 -7.17 -26.91
N ARG D 118 0.85 -6.99 -28.12
CA ARG D 118 0.31 -8.11 -28.89
C ARG D 118 0.62 -7.88 -30.37
N GLY D 119 0.47 -8.95 -31.15
CA GLY D 119 0.78 -8.92 -32.57
C GLY D 119 -0.32 -8.30 -33.40
N GLN D 120 -0.26 -8.58 -34.70
CA GLN D 120 -1.22 -8.05 -35.66
C GLN D 120 -2.42 -8.97 -35.89
N GLY D 121 -2.35 -10.22 -35.45
CA GLY D 121 -3.48 -11.12 -35.54
C GLY D 121 -3.57 -11.83 -36.88
N THR D 122 -4.54 -12.73 -36.96
CA THR D 122 -4.79 -13.47 -38.19
C THR D 122 -6.29 -13.64 -38.40
N GLN D 123 -6.69 -13.68 -39.67
CA GLN D 123 -8.10 -13.78 -40.04
C GLN D 123 -8.52 -15.24 -40.09
N VAL D 124 -9.59 -15.57 -39.38
CA VAL D 124 -10.18 -16.91 -39.42
C VAL D 124 -11.62 -16.72 -39.89
N THR D 125 -11.91 -17.18 -41.10
CA THR D 125 -13.22 -17.05 -41.72
C THR D 125 -13.82 -18.43 -41.94
N VAL D 126 -15.03 -18.63 -41.45
CA VAL D 126 -15.71 -19.91 -41.61
C VAL D 126 -16.79 -19.80 -42.67
N ASP E 46 12.17 -31.62 54.57
CA ASP E 46 12.04 -31.13 53.20
C ASP E 46 11.79 -29.62 53.18
N SER E 47 11.96 -28.96 54.33
CA SER E 47 11.72 -27.53 54.40
C SER E 47 12.72 -26.74 53.56
N THR E 48 13.97 -27.20 53.50
CA THR E 48 14.97 -26.50 52.70
C THR E 48 14.80 -26.78 51.21
N ALA E 49 14.38 -27.99 50.83
CA ALA E 49 14.04 -28.25 49.44
C ALA E 49 12.86 -27.38 49.01
N CYS E 50 11.86 -27.24 49.88
CA CYS E 50 10.73 -26.37 49.58
C CYS E 50 11.19 -24.92 49.43
N LYS E 51 12.06 -24.47 50.34
CA LYS E 51 12.57 -23.11 50.24
C LYS E 51 13.29 -22.88 48.92
N ILE E 52 14.15 -23.82 48.52
CA ILE E 52 14.91 -23.64 47.28
C ILE E 52 13.98 -23.65 46.07
N THR E 53 13.02 -24.58 46.06
CA THR E 53 12.10 -24.65 44.93
C THR E 53 11.27 -23.37 44.81
N ILE E 54 10.80 -22.86 45.96
CA ILE E 54 9.99 -21.64 45.94
C ILE E 54 10.84 -20.46 45.48
N THR E 55 12.10 -20.40 45.93
CA THR E 55 13.00 -19.35 45.45
C THR E 55 13.13 -19.40 43.93
N VAL E 56 13.33 -20.61 43.38
CA VAL E 56 13.48 -20.75 41.94
C VAL E 56 12.20 -20.30 41.24
N VAL E 57 11.05 -20.71 41.76
CA VAL E 57 9.77 -20.36 41.13
C VAL E 57 9.59 -18.84 41.13
N LEU E 58 9.87 -18.18 42.26
CA LEU E 58 9.72 -16.73 42.33
C LEU E 58 10.66 -16.04 41.36
N ALA E 59 11.91 -16.50 41.28
CA ALA E 59 12.85 -15.88 40.34
C ALA E 59 12.38 -16.06 38.90
N VAL E 60 11.85 -17.24 38.58
CA VAL E 60 11.35 -17.48 37.23
C VAL E 60 10.18 -16.55 36.91
N LEU E 61 9.26 -16.38 37.86
CA LEU E 61 8.13 -15.49 37.63
C LEU E 61 8.60 -14.06 37.40
N ILE E 62 9.54 -13.59 38.22
CA ILE E 62 10.05 -12.23 38.06
C ILE E 62 10.72 -12.06 36.71
N LEU E 63 11.55 -13.04 36.32
CA LEU E 63 12.22 -12.96 35.03
C LEU E 63 11.23 -12.95 33.89
N ILE E 64 10.18 -13.76 33.97
CA ILE E 64 9.20 -13.81 32.90
C ILE E 64 8.48 -12.47 32.78
N THR E 65 8.08 -11.89 33.91
CA THR E 65 7.41 -10.60 33.86
C THR E 65 8.30 -9.54 33.22
N VAL E 66 9.54 -9.42 33.70
CA VAL E 66 10.43 -8.37 33.23
C VAL E 66 10.75 -8.59 31.75
N ALA E 67 11.05 -9.83 31.36
CA ALA E 67 11.40 -10.11 29.97
C ALA E 67 10.23 -9.83 29.04
N GLY E 68 9.01 -10.24 29.43
CA GLY E 68 7.87 -9.99 28.58
C GLY E 68 7.59 -8.52 28.39
N ASN E 69 7.61 -7.75 29.47
CA ASN E 69 7.30 -6.33 29.34
C ASN E 69 8.40 -5.58 28.62
N VAL E 70 9.66 -5.96 28.85
CA VAL E 70 10.76 -5.36 28.11
C VAL E 70 10.64 -5.70 26.63
N VAL E 71 10.22 -6.92 26.31
CA VAL E 71 10.04 -7.31 24.91
C VAL E 71 8.95 -6.46 24.26
N VAL E 72 7.84 -6.23 24.97
CA VAL E 72 6.78 -5.40 24.41
C VAL E 72 7.28 -3.99 24.16
N CYS E 73 7.99 -3.42 25.14
CA CYS E 73 8.51 -2.07 24.97
C CYS E 73 9.50 -2.00 23.81
N LEU E 74 10.34 -3.03 23.67
CA LEU E 74 11.28 -3.08 22.56
C LEU E 74 10.53 -3.16 21.22
N ALA E 75 9.50 -3.97 21.15
CA ALA E 75 8.73 -4.09 19.92
C ALA E 75 8.14 -2.74 19.52
N VAL E 76 7.61 -2.00 20.49
CA VAL E 76 7.01 -0.71 20.15
C VAL E 76 8.09 0.31 19.79
N GLY E 77 9.20 0.32 20.52
CA GLY E 77 10.22 1.32 20.27
C GLY E 77 10.96 1.11 18.95
N LEU E 78 11.28 -0.14 18.62
CA LEU E 78 12.13 -0.41 17.46
C LEU E 78 11.35 -0.29 16.15
N ASN E 79 10.08 -0.65 16.14
CA ASN E 79 9.23 -0.56 14.95
C ASN E 79 8.20 0.53 15.22
N ARG E 80 8.52 1.75 14.79
CA ARG E 80 7.64 2.89 15.02
C ARG E 80 6.34 2.78 14.25
N ARG E 81 6.18 1.76 13.40
CA ARG E 81 4.88 1.51 12.80
C ARG E 81 3.82 1.17 13.84
N LEU E 82 4.22 0.67 15.02
CA LEU E 82 3.28 0.31 16.06
C LEU E 82 2.79 1.48 16.89
N ARG E 83 3.53 2.58 16.81
CA ARG E 83 3.15 3.78 17.54
C ARG E 83 1.82 4.27 17.01
N ASN E 84 0.75 3.91 17.70
CA ASN E 84 -0.59 4.30 17.27
C ASN E 84 -1.37 4.59 18.52
N LEU E 85 -2.49 5.28 18.36
CA LEU E 85 -3.37 5.52 19.49
C LEU E 85 -3.86 4.19 19.95
N THR E 86 -4.10 3.29 19.00
CA THR E 86 -4.63 1.98 19.33
C THR E 86 -3.71 1.23 20.26
N ASN E 87 -2.40 1.33 20.05
CA ASN E 87 -1.45 0.64 20.89
C ASN E 87 -0.95 1.41 22.13
N CYS E 88 -1.49 2.58 22.46
CA CYS E 88 -0.94 3.26 23.63
C CYS E 88 -1.29 2.59 24.98
N PHE E 89 -2.51 2.05 25.09
CA PHE E 89 -2.95 1.36 26.33
C PHE E 89 -2.10 0.10 26.54
N ILE E 90 -1.81 -0.63 25.45
CA ILE E 90 -0.96 -1.85 25.55
C ILE E 90 0.44 -1.45 26.02
N VAL E 91 0.98 -0.35 25.49
CA VAL E 91 2.34 0.14 25.91
C VAL E 91 2.29 0.52 27.40
N SER E 92 1.24 1.22 27.82
CA SER E 92 1.13 1.67 29.23
C SER E 92 1.05 0.45 30.15
N LEU E 93 0.29 -0.56 29.75
CA LEU E 93 0.12 -1.79 30.57
C LEU E 93 1.48 -2.49 30.72
N ALA E 94 2.25 -2.56 29.64
CA ALA E 94 3.57 -3.25 29.68
C ALA E 94 4.48 -2.53 30.67
N ILE E 95 4.52 -1.19 30.63
CA ILE E 95 5.41 -0.43 31.50
C ILE E 95 5.00 -0.63 32.95
N THR E 96 3.70 -0.52 33.24
CA THR E 96 3.25 -0.72 34.61
C THR E 96 3.72 -2.07 35.12
N ASP E 97 3.45 -3.13 34.35
CA ASP E 97 3.86 -4.46 34.79
C ASP E 97 5.37 -4.52 34.94
N LEU E 98 6.10 -3.87 34.04
CA LEU E 98 7.55 -3.87 34.15
C LEU E 98 7.99 -3.30 35.48
N LEU E 99 7.35 -2.22 35.93
CA LEU E 99 7.71 -1.65 37.22
C LEU E 99 7.48 -2.66 38.33
N LEU E 100 6.38 -3.42 38.26
CA LEU E 100 6.15 -4.46 39.25
C LEU E 100 7.30 -5.46 39.26
N GLY E 101 7.83 -5.78 38.07
CA GLY E 101 8.97 -6.68 38.02
C GLY E 101 10.19 -6.13 38.72
N LEU E 102 10.38 -4.81 38.69
CA LEU E 102 11.62 -4.20 39.16
C LEU E 102 11.50 -3.56 40.54
N LEU E 103 10.33 -3.05 40.92
CA LEU E 103 10.20 -2.27 42.14
C LEU E 103 9.52 -3.01 43.29
N VAL E 104 8.65 -3.98 43.00
CA VAL E 104 7.80 -4.61 44.02
C VAL E 104 8.12 -6.10 44.16
N LEU E 105 7.98 -6.86 43.08
CA LEU E 105 8.17 -8.31 43.15
C LEU E 105 9.53 -8.71 43.74
N PRO E 106 10.64 -8.07 43.38
CA PRO E 106 11.94 -8.49 43.96
C PRO E 106 11.99 -8.41 45.46
N PHE E 107 11.18 -7.55 46.08
CA PHE E 107 11.10 -7.46 47.53
C PHE E 107 10.03 -8.38 48.10
N SER E 108 8.93 -8.58 47.37
CA SER E 108 7.91 -9.51 47.84
C SER E 108 8.49 -10.92 47.94
N ALA E 109 9.29 -11.30 46.95
CA ALA E 109 9.87 -12.65 46.97
C ALA E 109 10.81 -12.83 48.14
N ILE E 110 11.61 -11.80 48.45
CA ILE E 110 12.57 -11.93 49.53
C ILE E 110 11.88 -11.93 50.89
N TYR E 111 10.83 -11.10 51.04
CA TYR E 111 10.10 -11.04 52.32
C TYR E 111 9.47 -12.41 52.57
N GLN E 112 8.87 -13.01 51.54
CA GLN E 112 8.24 -14.34 51.68
C GLN E 112 9.31 -15.40 52.01
N LEU E 113 10.47 -15.37 51.34
CA LEU E 113 11.56 -16.32 51.67
C LEU E 113 12.13 -16.04 53.06
N SER E 114 12.64 -14.83 53.31
CA SER E 114 13.26 -14.49 54.61
C SER E 114 12.25 -14.55 55.76
N CYS E 115 11.01 -14.11 55.52
CA CYS E 115 9.94 -14.08 56.57
C CYS E 115 10.15 -12.88 57.49
N LYS E 116 11.09 -11.98 57.18
CA LYS E 116 11.34 -10.78 58.01
C LYS E 116 11.56 -9.57 57.11
N TRP E 117 10.99 -8.41 57.46
CA TRP E 117 11.21 -7.16 56.68
C TRP E 117 12.44 -6.43 57.23
N SER E 118 13.65 -6.82 56.82
CA SER E 118 14.87 -6.21 57.40
C SER E 118 15.10 -4.78 56.87
N PHE E 119 14.41 -4.38 55.81
CA PHE E 119 14.67 -3.06 55.17
C PHE E 119 14.34 -1.88 56.10
N GLY E 120 13.20 -1.90 56.80
CA GLY E 120 12.88 -0.82 57.75
C GLY E 120 11.41 -0.44 57.72
N LYS E 121 11.01 0.57 58.51
CA LYS E 121 9.58 0.96 58.61
C LYS E 121 9.25 2.04 57.58
N VAL E 122 10.12 3.05 57.44
CA VAL E 122 9.89 4.17 56.47
C VAL E 122 9.86 3.60 55.05
N PHE E 123 10.58 2.49 54.82
CA PHE E 123 10.59 1.85 53.48
C PHE E 123 9.35 0.98 53.34
N CYS E 124 8.89 0.42 54.45
CA CYS E 124 7.70 -0.45 54.48
C CYS E 124 6.47 0.30 54.03
N ASN E 125 6.34 1.57 54.41
CA ASN E 125 5.18 2.37 53.91
C ASN E 125 5.30 2.57 52.39
N ILE E 126 6.51 2.79 51.88
CA ILE E 126 6.74 2.98 50.42
C ILE E 126 6.45 1.69 49.64
N TYR E 127 6.92 0.54 50.15
CA TYR E 127 6.75 -0.75 49.42
C TYR E 127 5.26 -1.08 49.32
N THR E 128 4.50 -0.88 50.40
CA THR E 128 3.04 -1.15 50.39
C THR E 128 2.37 -0.23 49.38
N SER E 129 2.78 1.04 49.34
CA SER E 129 2.16 2.04 48.43
C SER E 129 2.44 1.67 46.96
N LEU E 130 3.70 1.41 46.60
CA LEU E 130 4.06 1.04 45.24
C LEU E 130 3.26 -0.15 44.76
N ASP E 131 3.11 -1.17 45.62
CA ASP E 131 2.35 -2.34 45.21
C ASP E 131 0.91 -1.98 44.87
N VAL E 132 0.25 -1.22 45.75
CA VAL E 132 -1.14 -0.88 45.50
C VAL E 132 -1.27 -0.05 44.22
N MET E 133 -0.39 0.95 44.07
CA MET E 133 -0.47 1.82 42.90
C MET E 133 -0.33 1.03 41.62
N LEU E 134 0.71 0.20 41.53
CA LEU E 134 0.99 -0.48 40.28
C LEU E 134 -0.07 -1.53 39.95
N CYS E 135 -0.56 -2.27 40.96
CA CYS E 135 -1.59 -3.25 40.68
C CYS E 135 -2.88 -2.58 40.22
N THR E 136 -3.28 -1.49 40.87
CA THR E 136 -4.49 -0.79 40.45
C THR E 136 -4.32 -0.23 39.03
N ALA E 137 -3.15 0.32 38.72
CA ALA E 137 -2.92 0.85 37.39
C ALA E 137 -3.02 -0.23 36.34
N SER E 138 -2.45 -1.41 36.61
CA SER E 138 -2.54 -2.51 35.64
C SER E 138 -3.98 -2.94 35.42
N ILE E 139 -4.75 -3.07 36.51
CA ILE E 139 -6.13 -3.51 36.36
C ILE E 139 -6.93 -2.49 35.54
N LEU E 140 -6.74 -1.20 35.83
CA LEU E 140 -7.50 -0.18 35.11
C LEU E 140 -7.04 -0.05 33.67
N ASN E 141 -5.77 -0.34 33.38
CA ASN E 141 -5.34 -0.39 31.98
C ASN E 141 -6.00 -1.52 31.23
N LEU E 142 -6.17 -2.68 31.88
CA LEU E 142 -6.93 -3.76 31.24
C LEU E 142 -8.36 -3.32 30.97
N PHE E 143 -8.97 -2.63 31.94
CA PHE E 143 -10.33 -2.14 31.75
C PHE E 143 -10.42 -1.20 30.54
N MET E 144 -9.46 -0.28 30.41
CA MET E 144 -9.49 0.65 29.30
C MET E 144 -9.22 -0.04 27.97
N ILE E 145 -8.37 -1.06 27.95
CA ILE E 145 -8.19 -1.83 26.72
C ILE E 145 -9.50 -2.47 26.31
N SER E 146 -10.22 -3.04 27.28
CA SER E 146 -11.53 -3.63 26.98
C SER E 146 -12.48 -2.60 26.40
N LEU E 147 -12.54 -1.41 27.01
CA LEU E 147 -13.45 -0.37 26.51
C LEU E 147 -13.05 0.09 25.12
N ASP E 148 -11.75 0.18 24.85
CA ASP E 148 -11.30 0.59 23.52
C ASP E 148 -11.70 -0.42 22.47
N ARG E 149 -11.56 -1.72 22.79
CA ARG E 149 -12.00 -2.74 21.84
C ARG E 149 -13.50 -2.71 21.64
N TYR E 150 -14.27 -2.45 22.70
CA TYR E 150 -15.71 -2.30 22.55
C TYR E 150 -16.04 -1.18 21.57
N CYS E 151 -15.41 -0.01 21.75
CA CYS E 151 -15.66 1.10 20.84
C CYS E 151 -15.26 0.76 19.42
N ALA E 152 -14.14 0.05 19.25
CA ALA E 152 -13.68 -0.33 17.92
C ALA E 152 -14.67 -1.23 17.21
N VAL E 153 -15.27 -2.18 17.93
CA VAL E 153 -16.08 -3.21 17.27
C VAL E 153 -17.53 -2.77 17.11
N MET E 154 -18.10 -2.09 18.11
CA MET E 154 -19.53 -1.83 18.07
C MET E 154 -19.92 -0.80 17.03
N ASP E 155 -19.11 0.25 16.86
CA ASP E 155 -19.43 1.33 15.91
C ASP E 155 -18.17 1.68 15.13
N PRO E 156 -17.78 0.85 14.17
CA PRO E 156 -16.51 1.07 13.47
C PRO E 156 -16.47 2.36 12.67
N LEU E 157 -17.60 2.97 12.34
CA LEU E 157 -17.62 4.18 11.53
C LEU E 157 -17.44 5.44 12.35
N ARG E 158 -17.52 5.36 13.68
CA ARG E 158 -17.29 6.49 14.55
C ARG E 158 -15.99 6.37 15.34
N TYR E 159 -15.41 5.17 15.40
CA TYR E 159 -14.19 4.94 16.18
C TYR E 159 -13.11 5.98 15.95
N PRO E 160 -12.79 6.39 14.72
CA PRO E 160 -11.73 7.41 14.55
C PRO E 160 -12.04 8.71 15.27
N VAL E 161 -13.30 8.97 15.61
CA VAL E 161 -13.71 10.17 16.30
C VAL E 161 -13.86 9.93 17.80
N LEU E 162 -14.37 8.76 18.18
CA LEU E 162 -14.67 8.50 19.59
C LEU E 162 -13.42 8.45 20.45
N VAL E 163 -12.30 7.94 19.91
CA VAL E 163 -11.11 7.69 20.72
C VAL E 163 -9.99 8.65 20.38
N THR E 164 -10.35 9.87 20.00
CA THR E 164 -9.38 10.93 19.75
C THR E 164 -8.30 10.94 20.83
N PRO E 165 -7.05 11.27 20.51
CA PRO E 165 -5.96 11.12 21.49
C PRO E 165 -6.19 11.84 22.81
N VAL E 166 -6.88 12.97 22.81
CA VAL E 166 -7.07 13.71 24.06
C VAL E 166 -7.85 12.87 25.06
N ARG E 167 -8.83 12.09 24.59
CA ARG E 167 -9.59 11.24 25.50
C ARG E 167 -8.74 10.11 26.04
N VAL E 168 -7.81 9.58 25.23
CA VAL E 168 -6.89 8.57 25.74
C VAL E 168 -6.01 9.15 26.84
N ALA E 169 -5.49 10.35 26.62
CA ALA E 169 -4.68 11.00 27.65
C ALA E 169 -5.48 11.23 28.93
N ILE E 170 -6.73 11.69 28.78
CA ILE E 170 -7.58 11.92 29.95
C ILE E 170 -7.81 10.61 30.69
N SER E 171 -8.08 9.53 29.96
CA SER E 171 -8.32 8.24 30.60
C SER E 171 -7.09 7.76 31.36
N LEU E 172 -5.91 7.89 30.77
CA LEU E 172 -4.70 7.47 31.47
C LEU E 172 -4.46 8.32 32.71
N VAL E 173 -4.70 9.63 32.61
CA VAL E 173 -4.52 10.50 33.76
C VAL E 173 -5.49 10.12 34.87
N LEU E 174 -6.74 9.82 34.52
CA LEU E 174 -7.71 9.39 35.52
C LEU E 174 -7.28 8.07 36.16
N ILE E 175 -6.76 7.14 35.37
CA ILE E 175 -6.29 5.88 35.94
C ILE E 175 -5.22 6.14 36.98
N TRP E 176 -4.22 6.96 36.62
CA TRP E 176 -3.11 7.19 37.54
C TRP E 176 -3.53 8.02 38.74
N VAL E 177 -4.48 8.93 38.57
CA VAL E 177 -5.00 9.68 39.71
C VAL E 177 -5.67 8.74 40.70
N ILE E 178 -6.50 7.81 40.20
CA ILE E 178 -7.15 6.85 41.09
C ILE E 178 -6.10 5.98 41.79
N SER E 179 -5.11 5.50 41.02
CA SER E 179 -4.09 4.63 41.60
C SER E 179 -3.32 5.34 42.71
N ILE E 180 -2.93 6.60 42.47
CA ILE E 180 -2.16 7.34 43.45
C ILE E 180 -3.02 7.68 44.66
N THR E 181 -4.30 8.01 44.44
CA THR E 181 -5.19 8.29 45.55
C THR E 181 -5.34 7.07 46.46
N LEU E 182 -5.51 5.89 45.86
CA LEU E 182 -5.68 4.69 46.67
C LEU E 182 -4.38 4.26 47.34
N SER E 183 -3.24 4.44 46.66
CA SER E 183 -2.00 3.83 47.10
C SER E 183 -1.19 4.70 48.06
N PHE E 184 -1.15 6.01 47.85
CA PHE E 184 -0.32 6.90 48.66
C PHE E 184 -1.15 7.80 49.57
N LEU E 185 -2.19 8.43 49.03
CA LEU E 185 -3.00 9.33 49.84
C LEU E 185 -3.68 8.58 50.97
N SER E 186 -4.31 7.43 50.67
CA SER E 186 -5.03 6.68 51.69
C SER E 186 -4.08 6.05 52.71
N ILE E 187 -2.94 5.54 52.24
CA ILE E 187 -2.04 4.83 53.15
C ILE E 187 -1.41 5.79 54.15
N HIS E 188 -0.91 6.93 53.66
CA HIS E 188 -0.20 7.85 54.54
C HIS E 188 -1.14 8.61 55.47
N LEU E 189 -2.40 8.77 55.08
CA LEU E 189 -3.39 9.40 55.95
C LEU E 189 -4.04 8.42 56.91
N GLY E 190 -3.66 7.14 56.86
CA GLY E 190 -4.24 6.16 57.75
C GLY E 190 -5.68 5.83 57.44
N TRP E 191 -6.10 6.05 56.19
CA TRP E 191 -7.48 5.77 55.83
C TRP E 191 -7.77 4.27 55.80
N ASN E 192 -6.77 3.45 55.50
CA ASN E 192 -6.94 2.00 55.54
C ASN E 192 -6.68 1.40 56.91
N SER E 193 -6.13 2.17 57.85
CA SER E 193 -5.93 1.65 59.20
C SER E 193 -7.26 1.36 59.88
N ARG E 194 -7.30 0.27 60.64
CA ARG E 194 -8.56 -0.16 61.25
C ARG E 194 -8.97 0.76 62.38
N ASN E 195 -8.08 0.99 63.34
CA ASN E 195 -8.41 1.77 64.52
C ASN E 195 -7.10 2.07 65.25
N GLU E 196 -7.21 2.80 66.36
CA GLU E 196 -6.07 3.05 67.24
C GLU E 196 -5.92 1.97 68.30
N THR E 197 -6.78 0.96 68.31
CA THR E 197 -6.68 -0.14 69.25
C THR E 197 -5.68 -1.19 68.81
N SER E 198 -5.24 -1.15 67.55
CA SER E 198 -4.22 -2.08 67.08
C SER E 198 -2.90 -1.79 67.76
N LYS E 199 -2.25 -2.81 68.33
CA LYS E 199 -0.95 -2.61 68.97
C LYS E 199 0.19 -2.89 67.99
N GLY E 200 -0.09 -3.71 66.96
CA GLY E 200 0.91 -4.05 65.98
C GLY E 200 1.80 -5.18 66.45
N ASN E 201 2.77 -5.52 65.62
CA ASN E 201 3.75 -6.55 65.94
C ASN E 201 4.81 -6.00 66.88
N HIS E 202 5.62 -6.88 67.46
CA HIS E 202 6.70 -6.45 68.36
C HIS E 202 7.70 -5.55 67.63
N THR E 203 8.03 -5.90 66.38
CA THR E 203 9.03 -5.11 65.60
C THR E 203 8.44 -4.72 64.24
N THR E 204 9.31 -4.43 63.26
CA THR E 204 8.86 -4.00 61.91
C THR E 204 8.78 -5.22 60.98
N SER E 205 8.94 -6.43 61.53
CA SER E 205 9.17 -7.64 60.69
C SER E 205 7.99 -7.86 59.74
N LYS E 206 6.75 -7.67 60.21
CA LYS E 206 5.58 -7.78 59.30
C LYS E 206 5.46 -6.49 58.47
N CYS E 207 5.22 -6.63 57.16
CA CYS E 207 5.06 -5.45 56.27
C CYS E 207 3.89 -5.75 55.32
N LYS E 208 2.66 -5.84 55.85
CA LYS E 208 1.49 -6.23 55.03
C LYS E 208 0.44 -5.12 55.03
N VAL E 209 -0.16 -4.83 53.87
CA VAL E 209 -1.19 -3.74 53.74
C VAL E 209 -2.29 -3.92 54.80
N GLN E 210 -2.53 -2.89 55.61
CA GLN E 210 -3.62 -2.90 56.63
C GLN E 210 -4.96 -2.69 55.94
N VAL E 211 -6.02 -3.37 56.38
CA VAL E 211 -7.33 -3.28 55.67
C VAL E 211 -8.48 -2.99 56.65
N ASN E 212 -9.04 -1.78 56.61
CA ASN E 212 -10.25 -1.47 57.43
C ASN E 212 -11.49 -1.94 56.64
N GLU E 213 -12.66 -1.98 57.28
CA GLU E 213 -13.87 -2.51 56.59
C GLU E 213 -14.19 -1.68 55.35
N VAL E 214 -14.13 -0.35 55.45
CA VAL E 214 -14.47 0.54 54.31
C VAL E 214 -13.47 0.34 53.16
N TYR E 215 -12.18 0.24 53.49
CA TYR E 215 -11.13 0.12 52.43
C TYR E 215 -11.38 -1.14 51.59
N GLY E 216 -11.69 -2.27 52.23
CA GLY E 216 -11.88 -3.54 51.51
C GLY E 216 -13.05 -3.47 50.56
N LEU E 217 -14.18 -2.89 50.99
CA LEU E 217 -15.39 -2.81 50.14
C LEU E 217 -15.17 -1.77 49.04
N VAL E 218 -14.51 -0.66 49.38
CA VAL E 218 -14.29 0.45 48.40
C VAL E 218 -13.19 0.07 47.40
N ASP E 219 -12.09 -0.52 47.88
CA ASP E 219 -10.99 -0.95 46.97
C ASP E 219 -11.50 -2.05 46.03
N GLY E 220 -12.27 -3.00 46.57
CA GLY E 220 -12.80 -4.11 45.75
C GLY E 220 -13.74 -3.60 44.67
N LEU E 221 -14.75 -2.80 45.05
CA LEU E 221 -15.74 -2.30 44.10
C LEU E 221 -15.10 -1.38 43.06
N VAL E 222 -14.24 -0.46 43.50
CA VAL E 222 -13.72 0.55 42.59
C VAL E 222 -12.74 -0.06 41.60
N THR E 223 -11.86 -0.96 42.06
CA THR E 223 -10.76 -1.40 41.22
C THR E 223 -11.00 -2.72 40.51
N PHE E 224 -11.80 -3.64 41.08
CA PHE E 224 -11.95 -4.95 40.46
C PHE E 224 -13.37 -5.32 40.08
N TYR E 225 -14.33 -5.18 41.00
CA TYR E 225 -15.61 -5.85 40.79
C TYR E 225 -16.47 -5.12 39.76
N LEU E 226 -16.61 -3.80 39.87
CA LEU E 226 -17.37 -3.08 38.86
C LEU E 226 -16.68 -3.10 37.50
N PRO E 227 -15.37 -2.87 37.41
CA PRO E 227 -14.69 -3.12 36.12
C PRO E 227 -14.89 -4.54 35.62
N LEU E 228 -14.89 -5.53 36.51
CA LEU E 228 -15.11 -6.91 36.07
C LEU E 228 -16.49 -7.08 35.45
N LEU E 229 -17.52 -6.53 36.07
CA LEU E 229 -18.87 -6.62 35.52
C LEU E 229 -18.96 -5.92 34.17
N ILE E 230 -18.39 -4.73 34.07
CA ILE E 230 -18.44 -3.99 32.81
C ILE E 230 -17.70 -4.75 31.72
N MET E 231 -16.52 -5.28 32.04
CA MET E 231 -15.75 -6.04 31.06
C MET E 231 -16.48 -7.30 30.62
N CYS E 232 -17.15 -7.98 31.54
CA CYS E 232 -17.90 -9.17 31.17
C CYS E 232 -19.02 -8.82 30.20
N ILE E 233 -19.77 -7.76 30.47
CA ILE E 233 -20.83 -7.36 29.55
C ILE E 233 -20.24 -6.98 28.19
N THR E 234 -19.17 -6.19 28.21
CA THR E 234 -18.53 -5.75 26.98
C THR E 234 -18.10 -6.93 26.12
N TYR E 235 -17.37 -7.87 26.72
CA TYR E 235 -16.86 -8.99 25.94
C TYR E 235 -17.95 -9.96 25.55
N TYR E 236 -19.04 -10.05 26.31
CA TYR E 236 -20.17 -10.84 25.85
C TYR E 236 -20.76 -10.25 24.57
N ARG E 237 -20.94 -8.93 24.52
CA ARG E 237 -21.47 -8.30 23.30
C ARG E 237 -20.51 -8.48 22.14
N ILE E 238 -19.20 -8.33 22.39
CA ILE E 238 -18.21 -8.52 21.35
C ILE E 238 -18.25 -9.97 20.84
N PHE E 239 -18.40 -10.92 21.76
CA PHE E 239 -18.50 -12.33 21.38
C PHE E 239 -19.69 -12.57 20.47
N LYS E 240 -20.85 -11.99 20.82
CA LYS E 240 -22.02 -12.15 19.98
C LYS E 240 -21.78 -11.62 18.57
N VAL E 241 -21.19 -10.43 18.46
CA VAL E 241 -20.93 -9.86 17.15
C VAL E 241 -19.96 -10.74 16.37
N ALA E 242 -18.90 -11.20 17.02
CA ALA E 242 -17.90 -12.01 16.34
C ALA E 242 -18.51 -13.32 15.83
N ARG E 243 -19.35 -13.97 16.63
CA ARG E 243 -19.91 -15.24 16.19
C ARG E 243 -20.93 -15.03 15.07
N ASP E 244 -21.69 -13.93 15.11
CA ASP E 244 -22.58 -13.65 13.99
C ASP E 244 -21.81 -13.44 12.70
N GLN E 245 -20.70 -12.68 12.77
CA GLN E 245 -19.90 -12.47 11.58
C GLN E 245 -19.30 -13.76 11.07
N ALA E 246 -18.83 -14.62 11.98
CA ALA E 246 -18.28 -15.91 11.55
C ALA E 246 -19.34 -16.75 10.86
N LYS E 247 -20.56 -16.77 11.41
CA LYS E 247 -21.62 -17.53 10.77
C LYS E 247 -21.93 -17.00 9.38
N ARG E 248 -21.99 -15.68 9.22
CA ARG E 248 -22.23 -15.12 7.89
C ARG E 248 -21.13 -15.49 6.91
N ILE E 249 -19.87 -15.37 7.33
CA ILE E 249 -18.75 -15.65 6.44
C ILE E 249 -18.75 -17.11 6.03
N ASN E 250 -19.02 -18.00 6.98
CA ASN E 250 -19.05 -19.43 6.65
C ASN E 250 -20.26 -19.79 5.80
N HIS E 251 -21.38 -19.09 5.96
CA HIS E 251 -22.59 -19.42 5.21
C HIS E 251 -22.55 -18.91 3.78
N ILE E 252 -21.91 -17.77 3.52
CA ILE E 252 -21.93 -17.27 2.14
C ILE E 252 -21.25 -18.28 1.21
N SER E 253 -20.18 -18.92 1.68
CA SER E 253 -19.54 -19.97 0.92
C SER E 253 -20.40 -21.23 0.89
N SER E 254 -20.53 -21.83 -0.30
CA SER E 254 -21.36 -23.02 -0.43
C SER E 254 -20.53 -24.26 -0.74
N TRP E 255 -19.78 -24.17 -1.87
CA TRP E 255 -18.91 -25.22 -2.39
C TRP E 255 -17.53 -25.21 -1.72
N LYS E 256 -17.25 -24.18 -0.92
CA LYS E 256 -15.99 -24.03 -0.23
C LYS E 256 -16.24 -24.36 1.23
N ALA E 257 -15.35 -25.13 1.85
CA ALA E 257 -15.49 -25.49 3.26
C ALA E 257 -15.30 -24.26 4.15
N ALA E 258 -15.96 -24.26 5.32
CA ALA E 258 -15.90 -23.17 6.29
C ALA E 258 -14.47 -22.68 6.52
N THR E 259 -14.21 -21.40 6.27
CA THR E 259 -12.87 -20.87 6.45
C THR E 259 -12.64 -20.27 7.82
N ILE E 260 -13.66 -20.26 8.67
CA ILE E 260 -13.54 -19.65 10.00
C ILE E 260 -14.05 -20.51 11.18
N ARG E 261 -13.24 -20.66 12.22
CA ARG E 261 -13.62 -21.46 13.38
C ARG E 261 -14.16 -20.67 14.59
N GLU E 262 -15.44 -20.83 14.92
CA GLU E 262 -16.08 -20.15 16.06
C GLU E 262 -15.49 -20.61 17.38
N HIS E 263 -15.12 -21.87 17.47
CA HIS E 263 -14.54 -22.39 18.69
C HIS E 263 -13.25 -21.66 18.99
N LYS E 264 -12.42 -21.43 17.98
CA LYS E 264 -11.19 -20.64 18.18
C LYS E 264 -11.50 -19.23 18.62
N ALA E 265 -12.52 -18.61 18.02
CA ALA E 265 -12.86 -17.27 18.57
C ALA E 265 -13.27 -17.31 20.08
N THR E 266 -14.08 -18.30 20.47
CA THR E 266 -14.48 -18.41 21.87
C THR E 266 -13.27 -18.62 22.73
N VAL E 267 -12.32 -19.43 22.25
CA VAL E 267 -11.12 -19.72 23.00
C VAL E 267 -10.32 -18.45 23.24
N THR E 268 -10.17 -17.62 22.21
CA THR E 268 -9.48 -16.37 22.43
C THR E 268 -10.20 -15.53 23.49
N LEU E 269 -11.52 -15.40 23.38
CA LEU E 269 -12.14 -14.57 24.44
C LEU E 269 -11.99 -15.14 25.85
N ALA E 270 -12.09 -16.46 25.99
CA ALA E 270 -11.95 -17.10 27.30
C ALA E 270 -10.55 -16.88 27.86
N ALA E 271 -9.55 -16.99 27.01
CA ALA E 271 -8.19 -16.77 27.47
C ALA E 271 -8.05 -15.34 27.92
N VAL E 272 -8.66 -14.41 27.20
CA VAL E 272 -8.63 -13.03 27.69
C VAL E 272 -9.31 -12.84 29.05
N MET E 273 -10.47 -13.45 29.28
CA MET E 273 -11.16 -13.19 30.58
C MET E 273 -10.74 -14.11 31.72
N GLY E 274 -10.67 -15.41 31.49
CA GLY E 274 -10.23 -16.40 32.45
C GLY E 274 -8.94 -15.98 33.13
N ALA E 275 -7.97 -15.49 32.36
CA ALA E 275 -6.74 -14.99 32.97
C ALA E 275 -7.05 -13.89 33.97
N PHE E 276 -7.83 -12.90 33.56
CA PHE E 276 -8.12 -11.78 34.46
C PHE E 276 -8.81 -12.25 35.74
N ILE E 277 -9.86 -13.05 35.61
CA ILE E 277 -10.64 -13.46 36.76
C ILE E 277 -9.84 -14.38 37.66
N ILE E 278 -9.22 -15.42 37.08
CA ILE E 278 -8.46 -16.36 37.88
C ILE E 278 -7.35 -15.64 38.63
N CYS E 279 -6.69 -14.66 37.99
CA CYS E 279 -5.61 -13.96 38.64
C CYS E 279 -6.12 -13.09 39.80
N TRP E 280 -7.17 -12.30 39.57
CA TRP E 280 -7.47 -11.23 40.52
C TRP E 280 -8.64 -11.52 41.45
N PHE E 281 -9.62 -12.32 41.06
CA PHE E 281 -10.82 -12.50 41.89
C PHE E 281 -10.52 -13.02 43.28
N PRO E 282 -9.77 -14.10 43.47
CA PRO E 282 -9.55 -14.60 44.85
C PRO E 282 -8.79 -13.64 45.73
N TYR E 283 -7.87 -12.85 45.18
CA TYR E 283 -7.12 -11.92 46.03
C TYR E 283 -8.02 -10.85 46.60
N PHE E 284 -8.88 -10.25 45.76
CA PHE E 284 -9.80 -9.24 46.26
C PHE E 284 -10.88 -9.86 47.14
N THR E 285 -11.28 -11.10 46.86
CA THR E 285 -12.22 -11.76 47.74
C THR E 285 -11.64 -11.92 49.14
N ALA E 286 -10.39 -12.39 49.24
CA ALA E 286 -9.74 -12.52 50.54
C ALA E 286 -9.51 -11.16 51.18
N PHE E 287 -9.12 -10.17 50.39
CA PHE E 287 -8.89 -8.83 50.92
C PHE E 287 -10.16 -8.28 51.55
N VAL E 288 -11.28 -8.38 50.84
CA VAL E 288 -12.53 -7.84 51.33
C VAL E 288 -13.01 -8.65 52.53
N TYR E 289 -12.81 -9.97 52.52
CA TYR E 289 -13.23 -10.80 53.65
C TYR E 289 -12.50 -10.37 54.91
N ARG E 290 -11.18 -10.23 54.82
CA ARG E 290 -10.41 -9.93 56.03
C ARG E 290 -10.61 -8.49 56.48
N GLY E 291 -10.89 -7.56 55.55
CA GLY E 291 -11.21 -6.20 56.02
C GLY E 291 -12.36 -6.26 57.01
N LEU E 292 -13.44 -6.93 56.65
CA LEU E 292 -14.64 -7.03 57.54
C LEU E 292 -14.34 -7.94 58.73
N ARG E 293 -14.15 -9.23 58.52
CA ARG E 293 -13.96 -10.20 59.64
C ARG E 293 -12.68 -9.89 60.45
N GLY E 294 -11.57 -9.59 59.77
CA GLY E 294 -10.29 -9.36 60.47
C GLY E 294 -9.16 -10.17 59.86
N ASP E 295 -7.91 -9.80 60.14
CA ASP E 295 -6.75 -10.47 59.50
C ASP E 295 -6.58 -11.87 60.11
N ASP E 296 -6.88 -12.02 61.40
CA ASP E 296 -6.72 -13.31 62.12
C ASP E 296 -7.52 -14.44 61.46
N ALA E 297 -8.42 -14.13 60.53
CA ALA E 297 -9.28 -15.20 59.94
C ALA E 297 -8.57 -15.93 58.80
N ILE E 298 -7.88 -15.21 57.92
CA ILE E 298 -7.25 -15.86 56.72
C ILE E 298 -5.96 -16.59 57.11
N ASN E 299 -5.71 -17.77 56.50
CA ASN E 299 -4.46 -18.53 56.75
C ASN E 299 -3.31 -17.83 55.99
N GLU E 300 -2.05 -18.17 56.29
CA GLU E 300 -0.94 -17.48 55.65
C GLU E 300 -0.66 -18.04 54.27
N VAL E 301 -0.81 -19.36 54.10
CA VAL E 301 -0.58 -19.99 52.77
C VAL E 301 -1.59 -19.39 51.78
N LEU E 302 -2.85 -19.24 52.17
CA LEU E 302 -3.87 -18.63 51.27
C LEU E 302 -3.47 -17.19 50.97
N GLU E 303 -2.99 -16.45 51.97
CA GLU E 303 -2.59 -15.03 51.79
C GLU E 303 -1.44 -14.97 50.77
N ALA E 304 -0.51 -15.91 50.84
CA ALA E 304 0.62 -15.94 49.88
C ALA E 304 0.13 -16.35 48.50
N ILE E 305 -0.69 -17.41 48.40
CA ILE E 305 -1.14 -17.94 47.12
C ILE E 305 -1.93 -16.87 46.36
N VAL E 306 -2.83 -16.17 47.04
CA VAL E 306 -3.64 -15.17 46.35
C VAL E 306 -2.77 -13.98 45.94
N LEU E 307 -1.82 -13.57 46.78
CA LEU E 307 -0.95 -12.47 46.41
C LEU E 307 -0.15 -12.80 45.14
N TRP E 308 0.42 -14.00 45.10
CA TRP E 308 1.24 -14.35 43.94
C TRP E 308 0.39 -14.66 42.71
N LEU E 309 -0.85 -15.13 42.90
CA LEU E 309 -1.75 -15.24 41.76
C LEU E 309 -2.06 -13.87 41.17
N GLY E 310 -2.28 -12.87 42.03
CA GLY E 310 -2.45 -11.52 41.53
C GLY E 310 -1.22 -11.02 40.80
N TYR E 311 -0.04 -11.29 41.35
CA TYR E 311 1.20 -10.85 40.70
C TYR E 311 1.40 -11.52 39.35
N ALA E 312 1.01 -12.79 39.23
CA ALA E 312 1.26 -13.54 38.00
C ALA E 312 0.56 -12.93 36.80
N ASN E 313 -0.49 -12.15 37.00
CA ASN E 313 -1.20 -11.57 35.87
C ASN E 313 -0.30 -10.64 35.06
N SER E 314 0.72 -10.06 35.70
CA SER E 314 1.66 -9.21 34.99
C SER E 314 2.56 -10.00 34.04
N ALA E 315 2.62 -11.33 34.19
CA ALA E 315 3.39 -12.18 33.29
C ALA E 315 2.57 -12.70 32.12
N LEU E 316 1.26 -12.47 32.12
CA LEU E 316 0.39 -12.90 31.03
C LEU E 316 -0.02 -11.76 30.12
N ASN E 317 -0.10 -10.54 30.63
CA ASN E 317 -0.49 -9.40 29.81
C ASN E 317 0.40 -9.23 28.58
N PRO E 318 1.73 -9.40 28.64
CA PRO E 318 2.53 -9.32 27.42
C PRO E 318 2.16 -10.36 26.38
N ILE E 319 1.43 -11.41 26.75
CA ILE E 319 1.06 -12.47 25.83
C ILE E 319 -0.37 -12.31 25.32
N LEU E 320 -1.31 -12.11 26.24
CA LEU E 320 -2.72 -12.06 25.83
C LEU E 320 -2.99 -10.91 24.88
N TYR E 321 -2.36 -9.76 25.11
CA TYR E 321 -2.66 -8.54 24.36
C TYR E 321 -1.65 -8.23 23.26
N ALA E 322 -0.37 -8.52 23.48
CA ALA E 322 0.63 -8.24 22.45
C ALA E 322 0.90 -9.44 21.55
N ALA E 323 0.98 -10.65 22.12
CA ALA E 323 1.29 -11.81 21.31
C ALA E 323 0.13 -12.26 20.43
N LEU E 324 -1.11 -11.94 20.81
CA LEU E 324 -2.27 -12.28 20.00
C LEU E 324 -2.65 -11.20 19.00
N ASN E 325 -1.99 -10.04 19.05
CA ASN E 325 -2.25 -8.97 18.09
C ASN E 325 -1.27 -9.15 16.92
N ARG E 326 -1.80 -9.42 15.73
CA ARG E 326 -0.95 -9.75 14.60
C ARG E 326 -0.04 -8.60 14.18
N ASP E 327 -0.40 -7.36 14.54
CA ASP E 327 0.55 -6.27 14.33
C ASP E 327 1.80 -6.47 15.16
N PHE E 328 1.65 -6.94 16.39
CA PHE E 328 2.81 -7.18 17.22
C PHE E 328 3.55 -8.44 16.78
N ARG E 329 2.87 -9.41 16.17
CA ARG E 329 3.58 -10.54 15.58
C ARG E 329 4.43 -10.10 14.38
N THR E 330 3.89 -9.18 13.57
CA THR E 330 4.71 -8.58 12.52
C THR E 330 5.90 -7.85 13.11
N GLY E 331 5.68 -7.09 14.19
CA GLY E 331 6.77 -6.42 14.87
C GLY E 331 7.79 -7.39 15.44
N TYR E 332 7.34 -8.59 15.85
CA TYR E 332 8.21 -9.60 16.44
C TYR E 332 8.84 -10.49 15.38
N GLN E 333 8.49 -10.29 14.12
CA GLN E 333 9.32 -10.79 13.03
C GLN E 333 10.35 -9.75 12.61
N GLN E 334 9.93 -8.47 12.57
CA GLN E 334 10.86 -7.40 12.22
C GLN E 334 11.98 -7.26 13.25
N LEU E 335 11.64 -7.40 14.53
CA LEU E 335 12.62 -7.20 15.59
C LEU E 335 13.81 -8.12 15.43
N PHE E 336 13.56 -9.41 15.18
CA PHE E 336 14.66 -10.34 14.94
C PHE E 336 15.26 -10.15 13.55
N CYS E 337 14.43 -9.75 12.58
CA CYS E 337 14.97 -9.44 11.26
C CYS E 337 15.96 -8.28 11.33
N CYS E 338 15.65 -7.26 12.12
CA CYS E 338 16.55 -6.13 12.29
C CYS E 338 17.83 -6.58 12.99
C05 A1D67 F . -2.75 -4.67 46.14
C06 A1D67 F . -4.05 -3.91 45.85
C07 A1D67 F . -2.57 -5.79 45.12
C08 A1D67 F . -5.07 -3.60 46.81
C09 A1D67 F . -5.06 -3.97 48.28
C10 A1D67 F . -5.84 -2.68 44.70
N02 A1D67 F . -6.22 -2.81 46.07
N03 A1D67 F . -1.56 -6.70 45.62
N04 A1D67 F . -6.62 -2.01 43.68
S01 A1D67 F . -4.48 -3.35 44.51
C1 CLR G . 3.01 -22.20 48.96
C2 CLR G . 3.29 -22.49 50.49
C3 CLR G . 4.75 -22.07 50.89
C4 CLR G . 4.92 -20.58 50.61
C5 CLR G . 4.62 -20.24 49.20
C6 CLR G . 5.39 -19.16 48.54
C7 CLR G . 5.28 -19.04 47.02
C8 CLR G . 3.98 -19.29 46.58
C9 CLR G . 3.46 -20.72 47.12
C10 CLR G . 3.27 -20.74 48.51
C11 CLR G . 2.09 -21.19 46.27
C12 CLR G . 2.21 -20.96 44.77
C13 CLR G . 2.56 -19.61 44.42
C14 CLR G . 3.93 -19.35 45.01
C15 CLR G . 4.48 -18.11 44.33
C16 CLR G . 3.80 -18.29 42.79
C17 CLR G . 2.81 -19.46 42.93
C18 CLR G . 1.49 -18.61 44.92
C19 CLR G . 2.10 -19.88 48.99
C20 CLR G . 1.61 -19.16 42.01
C21 CLR G . 0.45 -20.10 42.16
C22 CLR G . 2.09 -19.30 40.55
C23 CLR G . 1.81 -17.96 39.80
C24 CLR G . 1.80 -18.24 38.27
C25 CLR G . 0.32 -18.30 37.76
C26 CLR G . -0.31 -19.64 38.15
C27 CLR G . 0.31 -18.17 36.23
O1 CLR G . 4.94 -22.30 52.23
#